data_8HQM
#
_entry.id   8HQM
#
_cell.length_a   1.00
_cell.length_b   1.00
_cell.length_c   1.00
_cell.angle_alpha   90.00
_cell.angle_beta   90.00
_cell.angle_gamma   90.00
#
_symmetry.space_group_name_H-M   'P 1'
#
loop_
_entity.id
_entity.type
_entity.pdbx_description
1 polymer 'Guanine nucleotide-binding protein G(I)/G(S)/G(T) subunit beta-1'
2 polymer 'Guanine nucleotide-binding protein G(I)/G(S)/G(O) subunit gamma-2'
3 polymer scFv16
4 polymer 'Soluble cytochrome b562,Probable G-protein coupled receptor 132'
5 polymer 'Guanine nucleotide-binding protein G(i) subunit alpha-1'
6 non-polymer N-PALMITOYLGLYCINE
#
loop_
_entity_poly.entity_id
_entity_poly.type
_entity_poly.pdbx_seq_one_letter_code
_entity_poly.pdbx_strand_id
1 'polypeptide(L)'
;MHHHHHHLEVLFQGPGSSQSELDQLRQEAEQLKNQIRDARKACADATLSQITNNIDPVGRIQMRTRRTLRGHLAKIYAMH
WGTDSRLLVSASQDGKLIIWDSYTTNKVHAIPLRSSWVMTCAYAPSGNYVACGGLDNICSIYNLKTREGNVRVSRELAGH
TGYLSCCRFLDDNQIVTSSGDTTCALWDIETGQQTTTFTGHTGDVMSLSLAPDTRLFVSGACDASAKLWDVREGMCRQTF
TGHESDINAICFFPNGNAFATGSDDATCRLFDLRADQELMTYSHDNIICGITSVSFSKSGRLLLAGYDDFNCNVWDALKA
DRAGVLAGHDNRVSCLGVTDDGMAVATGSWDSFLKIWN
;
B
2 'polypeptide(L)' NTASIAQARKLVEQLKMEANIDRIKVSKAAADLMAYCEAHAKEDPLLTPVPASENPFR C
3 'polypeptide(L)'
;DVQLVESGGGLVQPGGSRKLSCSASGFAFSSFGMHWVRQAPEKGLEWVAYISSGSGTIYYADTVKGRFTISRDDPKNTLF
LQMTSLRSEDTAMYYCVRSIYYYGSSPFDFWGQGTTLTVSSGGGGSGGGGSGGGGSDIVMTQATSSVPVTPGESVSISCR
SSKSLLHSNGNTYLYWFLQRPGQSPQLLIYRMSNLASGVPDRFSGSGSGTAFTLTISRLEAEDVGVYYCMQHLEYPLTFG
AGTKLELKGS
;
H
4 'polypeptide(L)'
;MKTIIALSYIFCLVFADYKDDDDKADLEDNWETLNDNLKVIEKADNAAQVKDALTKMRAAALDAQKATPPKLEDKSPDSP
EMKDFRHGFDILVGQIDDALKLANEGKVKEAQAAAEQLKTTRNAYIQKYLMCPMLLKNGYNGNATPVTTTAPWASLGLSA
KTCNNVSFEESRIVLVVVYSAVCTLGVPANCLTAWLALLQVLQGNVLAVYLLCLALCELLYTGTLPLWVIYIRNQHRWTL
GLLACKVTAYIFFCNIYVSILFLCCISCDRFVAVVYALESRGRRRRRTAILISACIFILVGIVHYPVFQTEDKETCFDML
QMDSRIAGYYYARFTVGFAIPLSIIAFTNHRIFRSIKQSMGLSAAQKAKVKHSAIAVVVIFLVCFAPYHLVLLVKAAAFS
YYRGDRNAMCGLEERLYTASVVFLCLSTVNGVADPIIYVLATDHSRQEVSRIHKGWKEWSMKTDVTRLTHSRDTEELQSP
VALADHYTFSRPVHPPGSPCPAKRLIEESC
;
R
5 'polypeptide(L)'
;MGCTLSAEDKAAVERSKMIDRNLREDGEKAAREVKLLLLGAGESGKSTIVKQMKIIHEAGYSEEECKQYKAVVYSNTIQS
IIAIIRAMGRLKIDFGDSARADDARQLFVLAGAAEEGFMTAELAGVIKRLWKDSGVQACFNRSREYQLNDSAAYYLNDLD
RIAQPNYIPTQQDVLRTRVKTTGIVETHFTFKDLHFKMFDVGAQRSERKKWIHCFEGVTAIIFCVALSDYDLVLAEDEEM
NRMHESMKLFDSICNNKWFTDTSIILFLNKKDLFEEKIKKSPLTICYPEYAGSNTYEEAAAYIQCQFEDLNKRKDTKEIY
THFTCSTDTKNVQFVFDAVTDVIIKNNLKDCGLF
;
A
#
loop_
_chem_comp.id
_chem_comp.type
_chem_comp.name
_chem_comp.formula
140 non-polymer N-PALMITOYLGLYCINE 'C18 H35 N O3'
#
# COMPACT_ATOMS: atom_id res chain seq x y z
N MET A 63 7.38 23.05 7.88
CA MET A 63 8.01 22.64 6.63
C MET A 63 8.52 21.21 6.74
N ARG A 64 8.22 20.57 7.87
CA ARG A 64 8.64 19.22 8.16
C ARG A 64 7.42 18.35 8.39
N THR A 65 7.61 17.03 8.31
CA THR A 65 6.50 16.08 8.35
C THR A 65 6.01 15.94 9.80
N ARG A 66 4.74 16.29 10.01
CA ARG A 66 4.13 16.10 11.31
C ARG A 66 3.61 14.67 11.48
N ARG A 67 2.94 14.14 10.46
CA ARG A 67 2.39 12.79 10.52
C ARG A 67 2.52 12.14 9.14
N THR A 68 2.54 10.81 9.14
CA THR A 68 2.57 10.02 7.91
C THR A 68 1.52 8.92 8.02
N LEU A 69 0.69 8.79 6.99
CA LEU A 69 -0.48 7.90 7.02
C LEU A 69 -0.19 6.54 6.39
N ARG A 70 0.36 6.52 5.17
CA ARG A 70 0.75 5.31 4.41
C ARG A 70 -0.49 4.45 4.19
N GLY A 71 -0.49 3.18 4.59
CA GLY A 71 -1.68 2.35 4.62
C GLY A 71 -2.39 2.06 3.32
N HIS A 72 -1.61 1.69 2.30
CA HIS A 72 -2.24 1.29 1.02
C HIS A 72 -1.49 0.06 0.51
N LEU A 73 -1.64 -0.25 -0.77
CA LEU A 73 -0.90 -1.38 -1.35
C LEU A 73 -0.03 -0.96 -2.52
N ALA A 74 -0.58 -0.35 -3.57
CA ALA A 74 0.22 -0.08 -4.77
C ALA A 74 -0.43 1.01 -5.62
N LYS A 75 0.41 1.95 -6.08
CA LYS A 75 0.08 2.93 -7.12
C LYS A 75 -1.06 3.86 -6.73
N ILE A 76 -0.84 4.64 -5.66
CA ILE A 76 -1.79 5.69 -5.29
C ILE A 76 -1.71 6.80 -6.31
N TYR A 77 -2.84 7.10 -6.96
CA TYR A 77 -2.85 8.07 -8.05
C TYR A 77 -3.32 9.46 -7.62
N ALA A 78 -4.44 9.57 -6.91
CA ALA A 78 -5.01 10.86 -6.60
C ALA A 78 -5.46 10.93 -5.15
N MET A 79 -5.46 12.14 -4.59
CA MET A 79 -6.12 12.41 -3.34
C MET A 79 -6.98 13.66 -3.47
N HIS A 80 -8.08 13.69 -2.72
CA HIS A 80 -8.89 14.89 -2.59
C HIS A 80 -9.19 15.11 -1.11
N TRP A 81 -9.02 16.34 -0.66
CA TRP A 81 -9.29 16.67 0.73
C TRP A 81 -10.78 16.72 1.00
N GLY A 82 -11.17 16.25 2.18
CA GLY A 82 -12.56 16.34 2.58
C GLY A 82 -12.95 17.74 2.99
N THR A 83 -14.26 17.94 3.16
CA THR A 83 -14.76 19.23 3.57
C THR A 83 -14.53 19.53 5.05
N ASP A 84 -14.22 18.50 5.85
CA ASP A 84 -13.97 18.69 7.27
C ASP A 84 -12.55 19.16 7.58
N SER A 85 -11.68 19.21 6.56
CA SER A 85 -10.23 19.44 6.64
C SER A 85 -9.50 18.35 7.43
N ARG A 86 -10.16 17.25 7.74
CA ARG A 86 -9.56 16.11 8.44
C ARG A 86 -9.56 14.85 7.60
N LEU A 87 -10.64 14.60 6.87
CA LEU A 87 -10.76 13.41 6.04
C LEU A 87 -10.16 13.66 4.66
N LEU A 88 -9.67 12.57 4.05
CA LEU A 88 -9.21 12.62 2.67
C LEU A 88 -9.49 11.26 2.04
N VAL A 89 -9.65 11.28 0.72
CA VAL A 89 -9.90 10.07 -0.07
C VAL A 89 -8.64 9.75 -0.85
N SER A 90 -8.24 8.48 -0.86
CA SER A 90 -7.06 8.03 -1.59
C SER A 90 -7.47 7.01 -2.63
N ALA A 91 -7.10 7.27 -3.88
CA ALA A 91 -7.41 6.40 -5.00
C ALA A 91 -6.16 5.68 -5.47
N SER A 92 -6.30 4.38 -5.77
CA SER A 92 -5.16 3.56 -6.15
C SER A 92 -5.53 2.61 -7.27
N GLN A 93 -4.52 2.24 -8.05
CA GLN A 93 -4.68 1.32 -9.17
C GLN A 93 -4.89 -0.13 -8.73
N ASP A 94 -4.79 -0.40 -7.42
CA ASP A 94 -5.13 -1.72 -6.87
C ASP A 94 -6.57 -2.07 -7.20
N GLY A 95 -7.50 -1.15 -6.97
CA GLY A 95 -8.91 -1.45 -7.12
C GLY A 95 -9.64 -1.27 -5.82
N LYS A 96 -9.03 -0.52 -4.90
CA LYS A 96 -9.65 -0.22 -3.61
C LYS A 96 -9.55 1.28 -3.36
N LEU A 97 -10.67 1.87 -2.94
CA LEU A 97 -10.76 3.29 -2.63
C LEU A 97 -10.89 3.46 -1.12
N ILE A 98 -10.06 4.34 -0.56
CA ILE A 98 -9.93 4.48 0.89
C ILE A 98 -10.22 5.93 1.27
N ILE A 99 -11.10 6.12 2.24
CA ILE A 99 -11.29 7.41 2.89
C ILE A 99 -10.42 7.42 4.14
N TRP A 100 -9.46 8.33 4.19
CA TRP A 100 -8.50 8.42 5.28
C TRP A 100 -8.94 9.48 6.28
N ASP A 101 -8.32 9.44 7.46
CA ASP A 101 -8.44 10.50 8.46
C ASP A 101 -7.03 10.93 8.85
N SER A 102 -6.79 12.24 8.84
CA SER A 102 -5.43 12.75 9.01
C SER A 102 -4.94 12.67 10.45
N TYR A 103 -5.81 12.95 11.43
CA TYR A 103 -5.34 13.14 12.80
C TYR A 103 -5.04 11.79 13.46
N THR A 104 -6.01 10.89 13.46
CA THR A 104 -5.86 9.58 14.08
C THR A 104 -5.12 8.59 13.19
N THR A 105 -4.86 8.95 11.93
CA THR A 105 -4.11 8.15 10.95
C THR A 105 -4.73 6.76 10.76
N ASN A 106 -6.06 6.69 10.79
CA ASN A 106 -6.77 5.45 10.58
C ASN A 106 -7.84 5.66 9.51
N LYS A 107 -7.94 4.70 8.61
CA LYS A 107 -8.93 4.76 7.54
C LYS A 107 -10.34 4.54 8.09
N VAL A 108 -11.30 5.20 7.46
CA VAL A 108 -12.69 5.12 7.91
C VAL A 108 -13.58 4.37 6.92
N HIS A 109 -13.14 4.15 5.68
CA HIS A 109 -13.96 3.46 4.70
C HIS A 109 -13.08 2.80 3.66
N ALA A 110 -13.54 1.66 3.16
CA ALA A 110 -12.88 0.95 2.06
C ALA A 110 -13.92 0.69 0.97
N ILE A 111 -13.64 1.15 -0.24
CA ILE A 111 -14.56 0.99 -1.36
C ILE A 111 -13.91 0.05 -2.37
N PRO A 112 -14.42 -1.17 -2.53
CA PRO A 112 -13.97 -2.02 -3.64
C PRO A 112 -14.46 -1.46 -4.97
N LEU A 113 -13.74 -1.82 -6.03
CA LEU A 113 -13.96 -1.27 -7.36
C LEU A 113 -14.22 -2.39 -8.36
N ARG A 114 -15.30 -2.24 -9.14
CA ARG A 114 -15.60 -3.20 -10.20
C ARG A 114 -14.51 -3.21 -11.26
N SER A 115 -14.02 -2.02 -11.62
CA SER A 115 -12.90 -1.89 -12.54
C SER A 115 -11.70 -1.40 -11.74
N SER A 116 -10.60 -2.15 -11.82
CA SER A 116 -9.40 -1.78 -11.08
C SER A 116 -8.76 -0.52 -11.62
N TRP A 117 -8.92 -0.24 -12.91
CA TRP A 117 -8.27 0.89 -13.55
C TRP A 117 -8.98 2.16 -13.14
N VAL A 118 -8.39 2.90 -12.20
CA VAL A 118 -8.87 4.23 -11.82
C VAL A 118 -7.69 5.19 -11.93
N MET A 119 -8.00 6.41 -12.38
CA MET A 119 -7.00 7.48 -12.42
C MET A 119 -7.47 8.77 -11.78
N THR A 120 -8.67 8.82 -11.22
CA THR A 120 -9.17 10.02 -10.59
C THR A 120 -10.14 9.64 -9.48
N CYS A 121 -10.38 10.59 -8.57
CA CYS A 121 -11.30 10.40 -7.47
C CYS A 121 -11.94 11.73 -7.13
N ALA A 122 -13.09 11.65 -6.47
CA ALA A 122 -13.81 12.85 -6.07
C ALA A 122 -14.48 12.64 -4.72
N TYR A 123 -14.31 13.60 -3.84
CA TYR A 123 -15.06 13.70 -2.60
C TYR A 123 -15.95 14.92 -2.70
N ALA A 124 -17.24 14.75 -2.42
CA ALA A 124 -18.18 15.86 -2.52
C ALA A 124 -17.89 16.88 -1.43
N PRO A 125 -18.08 18.18 -1.72
CA PRO A 125 -18.00 19.19 -0.65
C PRO A 125 -19.11 19.06 0.38
N SER A 126 -20.20 18.38 0.06
CA SER A 126 -21.16 18.00 1.09
C SER A 126 -20.60 16.92 1.99
N GLY A 127 -19.75 16.04 1.46
CA GLY A 127 -19.25 14.90 2.18
C GLY A 127 -20.10 13.65 2.07
N ASN A 128 -21.28 13.76 1.48
CA ASN A 128 -22.19 12.62 1.42
C ASN A 128 -21.79 11.60 0.37
N TYR A 129 -21.19 12.04 -0.74
CA TYR A 129 -20.93 11.18 -1.88
C TYR A 129 -19.46 11.18 -2.25
N VAL A 130 -19.01 10.07 -2.84
CA VAL A 130 -17.66 9.94 -3.37
C VAL A 130 -17.77 9.37 -4.79
N ALA A 131 -17.13 10.04 -5.75
CA ALA A 131 -17.12 9.58 -7.14
C ALA A 131 -15.75 9.01 -7.47
N CYS A 132 -15.75 7.87 -8.16
CA CYS A 132 -14.55 7.28 -8.74
C CYS A 132 -14.89 6.78 -10.13
N GLY A 133 -13.96 6.95 -11.06
CA GLY A 133 -14.17 6.54 -12.43
C GLY A 133 -13.00 5.70 -12.93
N GLY A 134 -12.75 5.81 -14.22
CA GLY A 134 -11.65 5.09 -14.83
C GLY A 134 -11.71 5.21 -16.33
N LEU A 135 -10.85 4.44 -16.99
CA LEU A 135 -10.83 4.38 -18.44
C LEU A 135 -11.92 3.49 -19.03
N ASP A 136 -12.78 2.91 -18.17
CA ASP A 136 -13.88 2.06 -18.58
C ASP A 136 -15.00 2.81 -19.29
N ASN A 137 -14.93 4.15 -19.30
CA ASN A 137 -15.95 5.11 -19.73
C ASN A 137 -17.17 5.11 -18.81
N ILE A 138 -17.08 4.50 -17.63
CA ILE A 138 -18.21 4.37 -16.72
C ILE A 138 -17.85 5.12 -15.43
N CYS A 139 -18.63 6.13 -15.10
CA CYS A 139 -18.40 6.94 -13.91
C CYS A 139 -19.29 6.46 -12.77
N SER A 140 -18.69 6.23 -11.61
CA SER A 140 -19.38 5.66 -10.47
C SER A 140 -19.37 6.64 -9.31
N ILE A 141 -20.54 6.92 -8.75
CA ILE A 141 -20.68 7.79 -7.60
C ILE A 141 -21.23 6.94 -6.46
N TYR A 142 -20.54 6.94 -5.33
CA TYR A 142 -20.87 6.08 -4.19
C TYR A 142 -21.43 6.91 -3.05
N ASN A 143 -22.46 6.37 -2.40
CA ASN A 143 -23.00 6.95 -1.18
C ASN A 143 -22.28 6.34 0.01
N LEU A 144 -21.57 7.18 0.77
CA LEU A 144 -20.87 6.69 1.97
C LEU A 144 -21.86 6.38 3.09
N LYS A 145 -22.78 7.30 3.35
CA LYS A 145 -23.67 7.22 4.50
C LYS A 145 -24.99 6.55 4.12
N THR A 146 -24.87 5.33 3.61
CA THR A 146 -26.07 4.54 3.34
C THR A 146 -26.68 4.05 4.65
N ARG A 147 -27.99 3.78 4.59
CA ARG A 147 -28.67 3.22 5.75
C ARG A 147 -28.16 1.82 6.09
N GLU A 148 -27.87 1.02 5.06
CA GLU A 148 -27.25 -0.28 5.28
C GLU A 148 -25.83 -0.16 5.82
N GLY A 149 -25.15 0.94 5.49
CA GLY A 149 -23.79 1.19 5.93
C GLY A 149 -22.72 0.82 4.94
N ASN A 150 -23.05 0.03 3.92
CA ASN A 150 -22.09 -0.28 2.88
C ASN A 150 -22.00 0.88 1.89
N VAL A 151 -20.95 0.88 1.08
CA VAL A 151 -20.78 1.86 0.01
C VAL A 151 -21.28 1.24 -1.28
N ARG A 152 -22.30 1.85 -1.87
CA ARG A 152 -22.96 1.35 -3.06
C ARG A 152 -22.94 2.42 -4.14
N VAL A 153 -22.65 2.00 -5.37
CA VAL A 153 -22.59 2.93 -6.50
C VAL A 153 -24.01 3.35 -6.86
N SER A 154 -24.24 4.67 -6.89
CA SER A 154 -25.59 5.21 -7.09
C SER A 154 -26.10 4.88 -8.49
N ARG A 155 -25.31 5.18 -9.51
CA ARG A 155 -25.66 4.85 -10.89
C ARG A 155 -24.40 4.87 -11.75
N GLU A 156 -24.30 3.91 -12.66
CA GLU A 156 -23.28 3.94 -13.68
C GLU A 156 -23.52 5.11 -14.62
N LEU A 157 -22.43 5.71 -15.10
CA LEU A 157 -22.49 6.92 -15.91
C LEU A 157 -21.56 6.73 -17.12
N ALA A 158 -22.15 6.28 -18.23
CA ALA A 158 -21.41 5.94 -19.44
C ALA A 158 -21.95 6.76 -20.62
N GLY A 159 -21.37 7.95 -20.82
CA GLY A 159 -21.78 8.80 -21.91
C GLY A 159 -20.62 9.32 -22.73
N HIS A 160 -19.41 8.90 -22.38
CA HIS A 160 -18.20 9.32 -23.06
C HIS A 160 -17.62 8.18 -23.90
N THR A 161 -16.70 8.54 -24.80
CA THR A 161 -16.08 7.58 -25.69
C THR A 161 -14.59 7.37 -25.43
N GLY A 162 -14.04 8.04 -24.42
CA GLY A 162 -12.61 7.94 -24.17
C GLY A 162 -12.22 7.34 -22.84
N TYR A 163 -11.61 8.13 -21.97
CA TYR A 163 -11.26 7.69 -20.62
C TYR A 163 -11.57 8.82 -19.65
N LEU A 164 -12.26 8.50 -18.56
CA LEU A 164 -12.65 9.52 -17.59
C LEU A 164 -11.45 9.97 -16.77
N SER A 165 -10.80 11.03 -17.23
CA SER A 165 -9.54 11.45 -16.65
C SER A 165 -9.70 12.17 -15.33
N CYS A 166 -10.79 12.92 -15.14
CA CYS A 166 -11.02 13.61 -13.88
C CYS A 166 -12.50 13.84 -13.69
N CYS A 167 -13.01 13.50 -12.51
CA CYS A 167 -14.38 13.76 -12.12
C CYS A 167 -14.36 14.59 -10.85
N ARG A 168 -15.18 15.64 -10.81
CA ARG A 168 -15.29 16.49 -9.63
C ARG A 168 -16.75 16.70 -9.30
N PHE A 169 -16.98 17.31 -8.15
CA PHE A 169 -18.32 17.52 -7.60
C PHE A 169 -18.62 19.02 -7.58
N LEU A 170 -19.32 19.49 -8.61
CA LEU A 170 -19.91 20.82 -8.55
C LEU A 170 -20.96 20.90 -7.46
N ASP A 171 -21.79 19.87 -7.36
CA ASP A 171 -22.88 19.76 -6.40
C ASP A 171 -23.25 18.28 -6.33
N ASP A 172 -24.15 17.95 -5.39
CA ASP A 172 -24.64 16.59 -5.27
C ASP A 172 -25.33 16.12 -6.54
N ASN A 173 -26.19 16.96 -7.10
CA ASN A 173 -26.91 16.58 -8.31
C ASN A 173 -26.12 16.85 -9.59
N GLN A 174 -25.35 17.93 -9.64
CA GLN A 174 -24.60 18.30 -10.83
C GLN A 174 -23.15 17.89 -10.65
N ILE A 175 -22.69 16.97 -11.50
CA ILE A 175 -21.35 16.39 -11.40
C ILE A 175 -20.60 16.69 -12.69
N VAL A 176 -19.41 17.26 -12.56
CA VAL A 176 -18.59 17.60 -13.71
C VAL A 176 -17.50 16.53 -13.87
N THR A 177 -17.38 15.99 -15.08
CA THR A 177 -16.38 14.99 -15.40
C THR A 177 -15.62 15.42 -16.65
N SER A 178 -14.30 15.50 -16.54
CA SER A 178 -13.43 15.70 -17.70
C SER A 178 -12.96 14.33 -18.15
N SER A 179 -13.22 14.00 -19.41
CA SER A 179 -12.95 12.69 -19.95
C SER A 179 -12.10 12.80 -21.19
N GLY A 180 -11.54 11.66 -21.61
CA GLY A 180 -10.66 11.63 -22.76
C GLY A 180 -11.35 11.39 -24.09
N ASP A 181 -12.51 12.02 -24.27
CA ASP A 181 -13.19 12.07 -25.56
C ASP A 181 -13.15 13.48 -26.14
N THR A 182 -12.09 14.23 -25.79
CA THR A 182 -11.86 15.63 -26.19
C THR A 182 -12.99 16.56 -25.75
N THR A 183 -13.71 16.21 -24.68
CA THR A 183 -14.82 17.04 -24.21
C THR A 183 -15.09 16.74 -22.74
N CYS A 184 -15.85 17.64 -22.12
CA CYS A 184 -16.30 17.51 -20.74
C CYS A 184 -17.80 17.73 -20.69
N ALA A 185 -18.48 16.99 -19.82
CA ALA A 185 -19.94 17.03 -19.80
C ALA A 185 -20.46 17.09 -18.37
N LEU A 186 -21.54 17.84 -18.18
CA LEU A 186 -22.17 18.00 -16.87
C LEU A 186 -23.23 16.91 -16.70
N TRP A 187 -23.06 16.08 -15.68
CA TRP A 187 -23.88 14.89 -15.50
C TRP A 187 -24.77 15.01 -14.27
N ASP A 188 -25.98 14.48 -14.39
CA ASP A 188 -26.91 14.34 -13.27
C ASP A 188 -27.00 12.88 -12.87
N ILE A 189 -27.01 12.62 -11.56
CA ILE A 189 -27.19 11.26 -11.07
C ILE A 189 -28.61 10.78 -11.33
N GLU A 190 -29.58 11.69 -11.30
CA GLU A 190 -30.99 11.32 -11.41
C GLU A 190 -31.33 10.78 -12.79
N THR A 191 -30.71 11.32 -13.83
CA THR A 191 -31.01 10.95 -15.21
C THR A 191 -29.86 10.29 -15.95
N GLY A 192 -28.61 10.54 -15.56
CA GLY A 192 -27.50 9.94 -16.25
C GLY A 192 -27.24 10.50 -17.63
N GLN A 193 -27.70 11.72 -17.89
CA GLN A 193 -27.55 12.35 -19.20
C GLN A 193 -26.87 13.69 -19.02
N GLN A 194 -26.31 14.20 -20.11
CA GLN A 194 -25.50 15.41 -20.08
C GLN A 194 -26.41 16.62 -20.21
N THR A 195 -26.50 17.41 -19.13
CA THR A 195 -27.22 18.67 -19.21
C THR A 195 -26.51 19.65 -20.12
N THR A 196 -25.21 19.83 -19.89
CA THR A 196 -24.34 20.63 -20.75
C THR A 196 -23.09 19.81 -21.06
N THR A 197 -22.62 19.91 -22.29
CA THR A 197 -21.39 19.26 -22.73
C THR A 197 -20.43 20.32 -23.23
N PHE A 198 -19.24 20.37 -22.66
CA PHE A 198 -18.23 21.38 -22.97
C PHE A 198 -17.24 20.81 -23.96
N THR A 199 -17.18 21.39 -25.16
CA THR A 199 -16.33 20.89 -26.24
C THR A 199 -15.57 22.04 -26.88
N GLY A 200 -14.39 21.73 -27.40
CA GLY A 200 -13.53 22.72 -28.02
C GLY A 200 -12.06 22.44 -27.83
N HIS A 201 -11.73 21.48 -26.97
CA HIS A 201 -10.35 21.07 -26.76
C HIS A 201 -9.91 20.12 -27.87
N THR A 202 -8.73 20.39 -28.46
CA THR A 202 -8.20 19.50 -29.49
C THR A 202 -7.80 18.16 -28.92
N GLY A 203 -7.05 18.17 -27.82
CA GLY A 203 -6.56 16.96 -27.21
C GLY A 203 -7.50 16.37 -26.19
N ASP A 204 -7.01 15.39 -25.46
CA ASP A 204 -7.79 14.70 -24.44
C ASP A 204 -7.58 15.37 -23.10
N VAL A 205 -8.70 15.80 -22.48
CA VAL A 205 -8.65 16.50 -21.20
C VAL A 205 -8.17 15.55 -20.11
N MET A 206 -7.33 16.06 -19.21
CA MET A 206 -6.83 15.26 -18.11
C MET A 206 -7.18 15.77 -16.73
N SER A 207 -7.31 17.09 -16.55
CA SER A 207 -7.62 17.62 -15.23
C SER A 207 -8.44 18.89 -15.37
N LEU A 208 -9.21 19.18 -14.33
CA LEU A 208 -10.00 20.39 -14.25
C LEU A 208 -9.94 20.94 -12.83
N SER A 209 -10.21 22.23 -12.70
CA SER A 209 -10.18 22.90 -11.40
C SER A 209 -11.44 23.74 -11.25
N LEU A 210 -12.27 23.39 -10.27
CA LEU A 210 -13.50 24.11 -10.03
C LEU A 210 -13.23 25.39 -9.25
N ALA A 211 -14.08 26.39 -9.49
CA ALA A 211 -14.07 27.59 -8.68
C ALA A 211 -14.68 27.30 -7.31
N PRO A 212 -14.35 28.10 -6.30
CA PRO A 212 -15.09 27.99 -5.02
C PRO A 212 -16.58 28.27 -5.16
N ASP A 213 -16.97 29.15 -6.10
CA ASP A 213 -18.38 29.34 -6.41
C ASP A 213 -18.96 28.16 -7.17
N THR A 214 -18.11 27.32 -7.78
CA THR A 214 -18.50 26.18 -8.62
C THR A 214 -19.41 26.62 -9.77
N ARG A 215 -19.09 27.75 -10.38
CA ARG A 215 -19.87 28.26 -11.51
C ARG A 215 -19.05 28.43 -12.78
N LEU A 216 -17.78 28.82 -12.66
CA LEU A 216 -16.89 29.00 -13.80
C LEU A 216 -15.65 28.14 -13.57
N PHE A 217 -15.46 27.12 -14.39
CA PHE A 217 -14.31 26.22 -14.24
C PHE A 217 -13.56 26.10 -15.55
N VAL A 218 -12.31 25.65 -15.43
CA VAL A 218 -11.36 25.56 -16.53
C VAL A 218 -10.84 24.13 -16.61
N SER A 219 -10.53 23.68 -17.83
CA SER A 219 -9.96 22.36 -18.06
C SER A 219 -8.79 22.46 -19.01
N GLY A 220 -7.91 21.48 -18.93
CA GLY A 220 -6.74 21.43 -19.79
C GLY A 220 -6.57 20.06 -20.44
N ALA A 221 -6.18 20.07 -21.70
CA ALA A 221 -6.06 18.85 -22.49
C ALA A 221 -4.66 18.72 -23.09
N CYS A 222 -4.51 17.81 -24.05
CA CYS A 222 -3.32 17.77 -24.90
C CYS A 222 -3.48 18.80 -26.02
N ASP A 223 -3.48 20.06 -25.58
CA ASP A 223 -3.63 21.23 -26.43
C ASP A 223 -2.49 22.20 -26.28
N ALA A 224 -1.69 22.07 -25.22
CA ALA A 224 -0.86 23.14 -24.65
C ALA A 224 -1.70 24.39 -24.41
N SER A 225 -2.92 24.19 -23.91
CA SER A 225 -3.86 25.27 -23.71
C SER A 225 -4.92 24.86 -22.68
N ALA A 226 -5.51 25.86 -22.03
CA ALA A 226 -6.59 25.67 -21.08
C ALA A 226 -7.80 26.47 -21.52
N LYS A 227 -8.99 25.90 -21.34
CA LYS A 227 -10.23 26.56 -21.76
C LYS A 227 -11.18 26.60 -20.58
N LEU A 228 -11.65 27.79 -20.22
CA LEU A 228 -12.70 27.93 -19.22
C LEU A 228 -14.03 27.44 -19.77
N TRP A 229 -14.95 27.17 -18.86
CA TRP A 229 -16.29 26.76 -19.25
C TRP A 229 -17.31 27.42 -18.32
N ASP A 230 -18.49 27.68 -18.85
CA ASP A 230 -19.63 28.19 -18.09
C ASP A 230 -20.63 27.06 -17.94
N VAL A 231 -20.92 26.69 -16.69
CA VAL A 231 -21.61 25.43 -16.43
C VAL A 231 -23.09 25.49 -16.79
N ARG A 232 -23.69 26.67 -16.81
CA ARG A 232 -25.13 26.75 -16.97
C ARG A 232 -25.56 26.54 -18.42
N GLU A 233 -24.95 27.29 -19.35
CA GLU A 233 -25.34 27.23 -20.75
C GLU A 233 -24.40 26.39 -21.60
N GLY A 234 -23.42 25.73 -20.99
CA GLY A 234 -22.50 24.87 -21.72
C GLY A 234 -21.61 25.59 -22.70
N MET A 235 -21.04 26.71 -22.28
CA MET A 235 -20.27 27.58 -23.15
C MET A 235 -18.84 27.70 -22.65
N CYS A 236 -17.89 27.60 -23.57
CA CYS A 236 -16.51 27.95 -23.26
C CYS A 236 -16.45 29.44 -22.93
N ARG A 237 -15.78 29.76 -21.82
CA ARG A 237 -15.70 31.15 -21.39
C ARG A 237 -14.41 31.83 -21.81
N GLN A 238 -13.26 31.20 -21.59
CA GLN A 238 -11.98 31.80 -21.92
C GLN A 238 -11.10 30.79 -22.63
N THR A 239 -10.12 31.32 -23.37
CA THR A 239 -9.11 30.50 -24.05
C THR A 239 -7.74 30.88 -23.51
N PHE A 240 -7.16 30.01 -22.69
CA PHE A 240 -5.84 30.25 -22.12
C PHE A 240 -4.81 29.43 -22.87
N THR A 241 -3.86 30.10 -23.50
CA THR A 241 -2.77 29.45 -24.21
C THR A 241 -1.45 30.04 -23.72
N GLY A 242 -0.39 29.25 -23.81
CA GLY A 242 0.90 29.65 -23.29
C GLY A 242 1.67 28.47 -22.75
N HIS A 243 1.02 27.32 -22.64
CA HIS A 243 1.72 26.10 -22.31
C HIS A 243 2.60 25.67 -23.47
N GLU A 244 3.72 25.03 -23.16
CA GLU A 244 4.57 24.43 -24.18
C GLU A 244 4.31 22.94 -24.35
N SER A 245 3.97 22.25 -23.27
CA SER A 245 3.73 20.82 -23.32
C SER A 245 2.33 20.52 -22.78
N ASP A 246 2.06 19.23 -22.60
CA ASP A 246 0.75 18.78 -22.19
C ASP A 246 0.51 19.04 -20.70
N ILE A 247 -0.68 19.57 -20.40
CA ILE A 247 -1.03 20.00 -19.04
C ILE A 247 -1.32 18.76 -18.21
N ASN A 248 -0.47 18.51 -17.21
CA ASN A 248 -0.66 17.33 -16.37
C ASN A 248 -1.71 17.57 -15.29
N ALA A 249 -1.68 18.73 -14.64
CA ALA A 249 -2.64 19.06 -13.60
C ALA A 249 -2.86 20.57 -13.60
N ILE A 250 -4.04 20.98 -13.14
CA ILE A 250 -4.42 22.39 -13.07
C ILE A 250 -5.13 22.63 -11.75
N CYS A 251 -4.84 23.77 -11.13
CA CYS A 251 -5.51 24.16 -9.89
C CYS A 251 -6.08 25.57 -10.04
N PHE A 252 -7.06 25.86 -9.20
CA PHE A 252 -7.77 27.13 -9.22
C PHE A 252 -7.42 27.92 -7.97
N PHE A 253 -7.09 29.19 -8.17
CA PHE A 253 -6.88 30.14 -7.09
C PHE A 253 -8.21 30.35 -6.36
N PRO A 254 -8.29 30.12 -5.04
CA PRO A 254 -9.58 30.20 -4.34
C PRO A 254 -10.17 31.61 -4.25
N ASN A 255 -9.53 32.63 -4.82
CA ASN A 255 -10.21 33.89 -5.09
C ASN A 255 -11.39 33.67 -6.02
N GLY A 256 -11.23 32.81 -7.02
CA GLY A 256 -12.19 32.71 -8.09
C GLY A 256 -11.94 33.70 -9.20
N ASN A 257 -10.85 34.45 -9.14
CA ASN A 257 -10.49 35.45 -10.14
C ASN A 257 -9.27 35.08 -10.96
N ALA A 258 -8.45 34.15 -10.48
CA ALA A 258 -7.22 33.76 -11.16
C ALA A 258 -7.05 32.25 -11.06
N PHE A 259 -5.93 31.77 -11.61
CA PHE A 259 -5.47 30.38 -11.54
C PHE A 259 -4.06 30.31 -12.12
N ALA A 260 -3.30 29.30 -11.69
CA ALA A 260 -2.00 29.01 -12.27
C ALA A 260 -1.90 27.53 -12.58
N THR A 261 -1.03 27.19 -13.53
CA THR A 261 -0.93 25.85 -14.06
C THR A 261 0.53 25.48 -14.30
N GLY A 262 0.86 24.20 -14.09
CA GLY A 262 2.14 23.66 -14.49
C GLY A 262 1.95 22.44 -15.38
N SER A 263 3.01 22.11 -16.11
CA SER A 263 2.96 21.02 -17.07
C SER A 263 4.36 20.44 -17.22
N ASP A 264 4.51 19.54 -18.21
CA ASP A 264 5.77 18.81 -18.43
C ASP A 264 6.90 19.70 -18.93
N ASP A 265 6.61 20.92 -19.36
CA ASP A 265 7.63 21.85 -19.86
C ASP A 265 8.48 22.48 -18.77
N ALA A 266 8.38 21.98 -17.52
CA ALA A 266 9.20 22.39 -16.37
C ALA A 266 9.01 23.87 -16.03
N THR A 267 7.84 24.42 -16.27
CA THR A 267 7.53 25.78 -15.86
C THR A 267 6.11 25.85 -15.32
N CYS A 268 5.95 26.54 -14.20
CA CYS A 268 4.64 26.84 -13.66
C CYS A 268 4.29 28.27 -14.07
N ARG A 269 3.08 28.46 -14.58
CA ARG A 269 2.71 29.72 -15.21
C ARG A 269 1.48 30.30 -14.53
N LEU A 270 1.55 31.58 -14.16
CA LEU A 270 0.51 32.26 -13.41
C LEU A 270 -0.41 33.03 -14.35
N PHE A 271 -1.70 32.83 -14.21
CA PHE A 271 -2.71 33.45 -15.06
C PHE A 271 -3.77 34.14 -14.23
N ASP A 272 -4.66 34.86 -14.91
CA ASP A 272 -5.85 35.45 -14.34
C ASP A 272 -6.98 35.27 -15.36
N LEU A 273 -8.15 34.81 -14.89
CA LEU A 273 -9.24 34.45 -15.80
C LEU A 273 -9.72 35.62 -16.62
N ARG A 274 -9.90 36.77 -15.99
CA ARG A 274 -10.37 37.94 -16.70
C ARG A 274 -9.27 38.57 -17.53
N ALA A 275 -8.01 38.44 -17.11
CA ALA A 275 -6.92 39.01 -17.90
C ALA A 275 -6.64 38.21 -19.16
N ASP A 276 -6.81 36.88 -19.11
CA ASP A 276 -6.52 35.94 -20.20
C ASP A 276 -5.11 36.14 -20.74
N GLN A 277 -4.17 36.37 -19.82
CA GLN A 277 -2.81 36.73 -20.15
C GLN A 277 -1.91 36.11 -19.10
N GLU A 278 -0.73 35.68 -19.51
CA GLU A 278 0.24 35.16 -18.56
C GLU A 278 0.79 36.29 -17.70
N LEU A 279 0.64 36.16 -16.38
CA LEU A 279 1.11 37.20 -15.49
C LEU A 279 2.62 37.12 -15.30
N MET A 280 3.13 35.97 -14.89
CA MET A 280 4.56 35.73 -14.74
C MET A 280 4.80 34.23 -14.75
N THR A 281 6.03 33.85 -15.12
CA THR A 281 6.37 32.43 -15.26
C THR A 281 7.38 32.01 -14.20
N TYR A 282 7.20 30.79 -13.68
CA TYR A 282 8.05 30.23 -12.64
C TYR A 282 8.94 29.20 -13.31
N SER A 283 10.18 29.58 -13.61
CA SER A 283 11.10 28.71 -14.32
C SER A 283 12.48 28.75 -13.66
N HIS A 284 13.11 27.59 -13.58
CA HIS A 284 14.44 27.47 -12.99
C HIS A 284 15.28 26.52 -13.84
N ASP A 285 16.59 26.73 -13.82
CA ASP A 285 17.50 25.93 -14.65
C ASP A 285 17.57 24.49 -14.16
N ASN A 286 17.66 24.28 -12.84
CA ASN A 286 17.63 22.93 -12.30
C ASN A 286 16.28 22.25 -12.50
N ILE A 287 15.23 23.04 -12.74
CA ILE A 287 13.91 22.50 -13.05
C ILE A 287 13.91 22.15 -14.53
N ILE A 288 14.25 20.89 -14.82
CA ILE A 288 14.03 20.29 -16.12
C ILE A 288 12.89 19.28 -16.07
N CYS A 289 12.70 18.64 -14.92
CA CYS A 289 11.60 17.72 -14.69
C CYS A 289 10.25 18.44 -14.74
N GLY A 290 9.22 17.71 -15.16
CA GLY A 290 7.92 18.30 -15.38
C GLY A 290 7.03 18.31 -14.14
N ILE A 291 5.99 19.13 -14.20
CA ILE A 291 5.07 19.34 -13.08
C ILE A 291 3.83 18.48 -13.32
N THR A 292 3.44 17.70 -12.32
CA THR A 292 2.26 16.85 -12.41
C THR A 292 1.23 17.14 -11.30
N SER A 293 1.43 18.17 -10.50
CA SER A 293 0.47 18.56 -9.47
C SER A 293 0.75 19.99 -9.05
N VAL A 294 -0.32 20.78 -8.92
CA VAL A 294 -0.23 22.16 -8.45
C VAL A 294 -1.37 22.42 -7.47
N SER A 295 -1.09 23.23 -6.45
CA SER A 295 -2.09 23.68 -5.49
C SER A 295 -1.58 24.93 -4.80
N PHE A 296 -2.48 25.66 -4.16
CA PHE A 296 -2.19 26.98 -3.63
C PHE A 296 -2.26 26.98 -2.11
N SER A 297 -2.13 28.17 -1.55
CA SER A 297 -2.44 28.44 -0.16
C SER A 297 -3.78 29.16 -0.07
N LYS A 298 -4.34 29.15 1.14
CA LYS A 298 -5.57 29.91 1.36
C LYS A 298 -5.32 31.41 1.35
N SER A 299 -4.07 31.84 1.51
CA SER A 299 -3.73 33.26 1.55
C SER A 299 -2.77 33.68 0.45
N GLY A 300 -2.59 32.87 -0.60
CA GLY A 300 -1.59 33.23 -1.58
C GLY A 300 -0.19 33.10 -1.00
N ARG A 301 0.74 33.88 -1.58
CA ARG A 301 2.15 33.95 -1.15
C ARG A 301 2.82 32.57 -1.18
N LEU A 302 2.32 31.67 -2.02
CA LEU A 302 2.68 30.27 -1.91
C LEU A 302 2.14 29.56 -3.15
N LEU A 303 2.87 28.54 -3.60
CA LEU A 303 2.37 27.66 -4.66
C LEU A 303 2.97 26.28 -4.44
N LEU A 304 2.13 25.37 -3.94
CA LEU A 304 2.58 23.95 -3.78
C LEU A 304 2.63 23.34 -5.18
N ALA A 305 3.70 22.64 -5.51
CA ALA A 305 3.91 22.07 -6.84
C ALA A 305 4.75 20.81 -6.76
N GLY A 306 4.16 19.66 -7.10
CA GLY A 306 4.91 18.42 -7.22
C GLY A 306 5.54 18.29 -8.60
N TYR A 307 6.67 17.58 -8.65
CA TYR A 307 7.53 17.58 -9.82
C TYR A 307 7.88 16.16 -10.23
N ASP A 308 8.56 16.05 -11.37
CA ASP A 308 9.06 14.78 -11.88
C ASP A 308 10.41 14.40 -11.29
N ASP A 309 10.94 15.20 -10.36
CA ASP A 309 12.17 14.92 -9.62
C ASP A 309 11.93 14.12 -8.35
N PHE A 310 10.82 13.38 -8.28
CA PHE A 310 10.37 12.61 -7.11
C PHE A 310 10.16 13.47 -5.87
N ASN A 311 10.02 14.79 -6.01
CA ASN A 311 9.85 15.65 -4.86
C ASN A 311 8.97 16.83 -5.23
N CYS A 312 8.20 17.30 -4.25
CA CYS A 312 7.39 18.49 -4.43
C CYS A 312 8.28 19.74 -4.34
N ASN A 313 7.69 20.88 -4.67
CA ASN A 313 8.38 22.15 -4.46
C ASN A 313 7.36 23.24 -4.21
N VAL A 314 7.85 24.31 -3.61
CA VAL A 314 7.02 25.44 -3.19
C VAL A 314 7.61 26.72 -3.80
N TRP A 315 6.77 27.45 -4.52
CA TRP A 315 7.14 28.76 -5.05
C TRP A 315 6.21 29.80 -4.45
N ASP A 316 6.71 31.02 -4.30
CA ASP A 316 5.83 32.13 -3.98
C ASP A 316 4.94 32.43 -5.18
N ALA A 317 3.68 32.75 -4.91
CA ALA A 317 2.75 33.08 -6.00
C ALA A 317 3.09 34.39 -6.69
N LEU A 318 3.87 35.25 -6.04
CA LEU A 318 4.21 36.56 -6.57
C LEU A 318 5.65 36.67 -7.04
N LYS A 319 6.59 35.97 -6.41
CA LYS A 319 8.01 36.12 -6.74
C LYS A 319 8.67 34.79 -7.11
N ALA A 320 8.20 33.70 -6.50
CA ALA A 320 8.64 32.32 -6.76
C ALA A 320 10.14 32.12 -6.51
N ASP A 321 10.53 32.33 -5.25
CA ASP A 321 11.88 32.00 -4.84
C ASP A 321 11.91 30.54 -4.36
N ARG A 322 13.04 30.13 -3.79
CA ARG A 322 13.16 28.79 -3.20
C ARG A 322 12.64 28.83 -1.77
N ALA A 323 11.33 28.99 -1.65
CA ALA A 323 10.72 29.18 -0.34
C ALA A 323 10.70 27.89 0.45
N GLY A 324 10.01 26.87 -0.05
CA GLY A 324 9.94 25.60 0.63
C GLY A 324 10.44 24.43 -0.19
N VAL A 325 11.42 23.72 0.34
CA VAL A 325 11.96 22.52 -0.30
C VAL A 325 11.26 21.31 0.32
N LEU A 326 10.56 20.54 -0.52
CA LEU A 326 9.76 19.40 -0.07
C LEU A 326 10.31 18.16 -0.76
N ALA A 327 11.18 17.42 -0.07
CA ALA A 327 11.96 16.35 -0.67
C ALA A 327 11.78 15.05 0.09
N GLY A 328 10.53 14.67 0.34
CA GLY A 328 10.25 13.50 1.15
C GLY A 328 10.06 12.19 0.42
N HIS A 329 9.21 12.18 -0.61
CA HIS A 329 8.82 10.93 -1.26
C HIS A 329 9.95 10.34 -2.08
N ASP A 330 10.10 9.01 -2.00
CA ASP A 330 11.06 8.32 -2.84
C ASP A 330 10.56 8.16 -4.27
N ASN A 331 9.26 7.97 -4.44
CA ASN A 331 8.66 7.72 -5.73
C ASN A 331 8.05 9.02 -6.25
N ARG A 332 7.67 9.00 -7.53
CA ARG A 332 7.09 10.13 -8.21
C ARG A 332 5.79 10.61 -7.55
N VAL A 333 5.77 11.87 -7.15
CA VAL A 333 4.60 12.46 -6.49
C VAL A 333 3.47 12.55 -7.51
N SER A 334 2.42 11.76 -7.29
CA SER A 334 1.33 11.69 -8.24
C SER A 334 0.30 12.78 -7.97
N CYS A 335 -0.01 13.02 -6.69
CA CYS A 335 -1.04 13.97 -6.32
C CYS A 335 -0.56 14.84 -5.17
N LEU A 336 -1.15 16.03 -5.09
CA LEU A 336 -0.77 17.01 -4.08
C LEU A 336 -1.95 17.95 -3.88
N GLY A 337 -2.41 18.08 -2.65
CA GLY A 337 -3.58 18.88 -2.37
C GLY A 337 -3.42 19.65 -1.08
N VAL A 338 -4.13 20.77 -1.01
CA VAL A 338 -4.14 21.63 0.16
C VAL A 338 -5.51 21.53 0.81
N THR A 339 -5.53 21.57 2.14
CA THR A 339 -6.79 21.51 2.87
C THR A 339 -7.61 22.77 2.62
N ASP A 340 -8.92 22.64 2.80
CA ASP A 340 -9.83 23.75 2.50
C ASP A 340 -9.66 24.92 3.47
N ASP A 341 -9.13 24.69 4.67
CA ASP A 341 -8.72 25.79 5.53
C ASP A 341 -7.25 26.14 5.33
N GLY A 342 -6.53 25.39 4.50
CA GLY A 342 -5.13 25.64 4.24
C GLY A 342 -4.17 25.18 5.31
N MET A 343 -4.61 24.33 6.24
CA MET A 343 -3.79 24.03 7.41
C MET A 343 -2.62 23.11 7.07
N ALA A 344 -2.75 22.25 6.07
CA ALA A 344 -1.72 21.25 5.83
C ALA A 344 -1.50 21.05 4.33
N VAL A 345 -0.37 20.42 4.05
CA VAL A 345 0.01 19.98 2.71
C VAL A 345 -0.03 18.46 2.66
N ALA A 346 -0.66 17.91 1.63
CA ALA A 346 -0.79 16.46 1.47
C ALA A 346 -0.09 16.03 0.20
N THR A 347 0.77 15.02 0.31
CA THR A 347 1.50 14.48 -0.82
C THR A 347 1.13 13.01 -1.00
N GLY A 348 0.97 12.60 -2.25
CA GLY A 348 0.68 11.21 -2.56
C GLY A 348 1.48 10.75 -3.76
N SER A 349 1.77 9.45 -3.77
CA SER A 349 2.66 8.88 -4.77
C SER A 349 2.38 7.40 -4.90
N TRP A 350 2.93 6.79 -5.96
CA TRP A 350 2.72 5.38 -6.23
C TRP A 350 3.50 4.45 -5.32
N ASP A 351 4.18 4.97 -4.29
CA ASP A 351 4.97 4.20 -3.34
C ASP A 351 4.12 3.59 -2.23
N SER A 352 2.79 3.62 -2.37
CA SER A 352 1.82 3.22 -1.34
C SER A 352 1.99 4.03 -0.06
N PHE A 353 2.43 5.28 -0.18
CA PHE A 353 2.72 6.13 0.96
C PHE A 353 1.82 7.36 0.91
N LEU A 354 1.33 7.79 2.07
CA LEU A 354 0.63 9.06 2.21
C LEU A 354 1.23 9.79 3.40
N LYS A 355 1.76 10.99 3.17
CA LYS A 355 2.40 11.74 4.23
C LYS A 355 2.02 13.22 4.11
N ILE A 356 1.84 13.85 5.26
CA ILE A 356 1.34 15.22 5.36
C ILE A 356 2.29 16.04 6.24
N TRP A 357 2.62 17.24 5.79
CA TRP A 357 3.59 18.09 6.49
C TRP A 357 2.88 19.34 6.99
N ASN A 358 3.64 20.20 7.66
CA ASN A 358 3.13 21.46 8.20
C ASN A 358 4.30 22.41 8.40
N SER B 4 -10.07 15.33 -43.17
CA SER B 4 -10.09 16.03 -41.89
C SER B 4 -10.40 17.51 -42.08
N ILE B 5 -10.92 17.85 -43.27
CA ILE B 5 -11.27 19.23 -43.56
C ILE B 5 -12.46 19.69 -42.72
N ALA B 6 -13.41 18.79 -42.48
CA ALA B 6 -14.56 19.09 -41.64
C ALA B 6 -14.25 18.99 -40.15
N GLN B 7 -13.10 18.41 -39.79
CA GLN B 7 -12.71 18.34 -38.38
C GLN B 7 -12.32 19.72 -37.85
N ALA B 8 -11.85 20.61 -38.72
CA ALA B 8 -11.44 21.93 -38.30
C ALA B 8 -12.60 22.90 -38.13
N ARG B 9 -13.81 22.50 -38.51
CA ARG B 9 -14.96 23.40 -38.43
C ARG B 9 -15.34 23.68 -36.99
N LYS B 10 -15.71 22.62 -36.25
CA LYS B 10 -16.08 22.76 -34.84
C LYS B 10 -14.92 23.23 -33.97
N LEU B 11 -13.68 23.06 -34.43
CA LEU B 11 -12.54 23.66 -33.76
C LEU B 11 -12.52 25.17 -33.95
N VAL B 12 -12.83 25.65 -35.16
CA VAL B 12 -12.71 27.08 -35.46
C VAL B 12 -14.00 27.84 -35.15
N GLU B 13 -15.16 27.17 -35.10
CA GLU B 13 -16.35 27.83 -34.59
C GLU B 13 -16.24 28.10 -33.09
N GLN B 14 -15.43 27.31 -32.39
CA GLN B 14 -15.16 27.56 -30.98
C GLN B 14 -14.42 28.87 -30.78
N LEU B 15 -13.60 29.27 -31.76
CA LEU B 15 -12.81 30.49 -31.61
C LEU B 15 -13.66 31.75 -31.78
N LYS B 16 -14.59 31.77 -32.73
CA LYS B 16 -15.36 32.99 -32.98
C LYS B 16 -16.48 33.22 -31.98
N MET B 17 -16.96 32.18 -31.30
CA MET B 17 -17.86 32.41 -30.18
C MET B 17 -17.14 32.90 -28.94
N GLU B 18 -15.81 32.89 -28.97
CA GLU B 18 -14.99 33.35 -27.86
C GLU B 18 -14.59 34.81 -27.99
N ALA B 19 -15.02 35.52 -29.03
CA ALA B 19 -14.54 36.87 -29.29
C ALA B 19 -14.99 37.89 -28.25
N ASN B 20 -16.01 37.57 -27.45
CA ASN B 20 -16.48 38.45 -26.39
C ASN B 20 -15.67 38.18 -25.11
N ILE B 21 -14.40 38.57 -25.17
CA ILE B 21 -13.47 38.38 -24.06
C ILE B 21 -13.61 39.56 -23.10
N ASP B 22 -13.90 39.28 -21.83
CA ASP B 22 -13.92 40.33 -20.82
C ASP B 22 -12.50 40.74 -20.45
N ARG B 23 -12.34 41.99 -20.02
CA ARG B 23 -11.04 42.63 -19.92
C ARG B 23 -10.83 43.23 -18.54
N ILE B 24 -9.65 42.99 -17.95
CA ILE B 24 -9.16 43.70 -16.79
C ILE B 24 -7.69 44.07 -17.04
N LYS B 25 -7.11 44.77 -16.07
CA LYS B 25 -5.72 45.24 -16.13
C LYS B 25 -4.82 44.29 -15.36
N VAL B 26 -3.68 43.93 -15.96
CA VAL B 26 -2.80 42.90 -15.40
C VAL B 26 -2.17 43.37 -14.09
N SER B 27 -1.89 44.67 -13.94
CA SER B 27 -1.43 45.19 -12.66
C SER B 27 -2.55 45.13 -11.63
N LYS B 28 -3.78 45.44 -12.05
CA LYS B 28 -4.93 45.28 -11.17
C LYS B 28 -5.28 43.81 -10.97
N ALA B 29 -4.94 42.96 -11.95
CA ALA B 29 -5.05 41.51 -11.75
C ALA B 29 -4.08 41.04 -10.68
N ALA B 30 -2.85 41.55 -10.69
CA ALA B 30 -1.90 41.26 -9.63
C ALA B 30 -2.28 41.95 -8.32
N ALA B 31 -3.07 43.02 -8.38
CA ALA B 31 -3.62 43.62 -7.17
C ALA B 31 -4.63 42.71 -6.52
N ASP B 32 -5.39 41.94 -7.31
CA ASP B 32 -6.28 40.93 -6.76
C ASP B 32 -5.49 39.83 -6.04
N LEU B 33 -4.27 39.55 -6.50
CA LEU B 33 -3.43 38.55 -5.85
C LEU B 33 -3.00 39.02 -4.46
N MET B 34 -2.46 40.25 -4.36
CA MET B 34 -1.90 40.72 -3.11
C MET B 34 -2.96 41.12 -2.10
N ALA B 35 -4.09 41.68 -2.57
CA ALA B 35 -5.17 42.04 -1.65
C ALA B 35 -5.86 40.82 -1.08
N TYR B 36 -5.75 39.68 -1.76
CA TYR B 36 -6.25 38.42 -1.24
C TYR B 36 -5.37 37.87 -0.12
N CYS B 37 -4.13 38.34 -0.02
CA CYS B 37 -3.17 37.76 0.92
C CYS B 37 -3.53 38.10 2.36
N GLU B 38 -3.60 39.40 2.68
CA GLU B 38 -3.85 39.83 4.05
C GLU B 38 -5.25 39.49 4.54
N ALA B 39 -6.18 39.22 3.62
CA ALA B 39 -7.52 38.79 4.01
C ALA B 39 -7.48 37.43 4.69
N HIS B 40 -6.64 36.52 4.19
CA HIS B 40 -6.53 35.17 4.74
C HIS B 40 -5.19 34.92 5.40
N ALA B 41 -4.37 35.96 5.62
CA ALA B 41 -3.06 35.78 6.22
C ALA B 41 -3.13 35.43 7.70
N LYS B 42 -4.27 35.66 8.35
CA LYS B 42 -4.40 35.34 9.77
C LYS B 42 -4.48 33.85 10.04
N GLU B 43 -4.77 33.04 9.02
CA GLU B 43 -4.88 31.59 9.20
C GLU B 43 -3.99 30.82 8.24
N ASP B 44 -2.98 31.46 7.65
CA ASP B 44 -1.99 30.78 6.83
C ASP B 44 -0.93 30.18 7.74
N PRO B 45 -0.86 28.86 7.88
CA PRO B 45 0.09 28.26 8.81
C PRO B 45 1.43 27.94 8.17
N LEU B 46 1.68 28.51 6.99
CA LEU B 46 2.95 28.31 6.31
C LEU B 46 3.88 29.50 6.50
N LEU B 47 3.38 30.71 6.24
CA LEU B 47 4.14 31.93 6.53
C LEU B 47 3.89 32.44 7.93
N THR B 48 2.74 32.10 8.52
CA THR B 48 2.42 32.42 9.91
C THR B 48 2.02 31.14 10.62
N PRO B 49 2.99 30.26 10.93
CA PRO B 49 2.66 28.93 11.46
C PRO B 49 2.02 28.99 12.84
N VAL B 50 1.00 28.17 13.02
CA VAL B 50 0.21 28.20 14.25
C VAL B 50 1.03 27.60 15.40
N PRO B 51 1.00 28.18 16.58
CA PRO B 51 1.72 27.61 17.72
C PRO B 51 1.09 26.30 18.17
N ALA B 52 1.80 25.62 19.08
CA ALA B 52 1.50 24.23 19.43
C ALA B 52 0.12 24.08 20.07
N SER B 53 -0.36 25.12 20.77
CA SER B 53 -1.72 25.08 21.29
C SER B 53 -2.75 25.11 20.16
N GLU B 54 -2.55 25.98 19.17
CA GLU B 54 -3.42 26.01 18.01
C GLU B 54 -3.03 25.00 16.93
N ASN B 55 -1.86 24.39 17.04
CA ASN B 55 -1.46 23.35 16.10
C ASN B 55 -2.08 22.03 16.51
N PRO B 56 -2.93 21.42 15.66
CA PRO B 56 -3.44 20.07 15.94
C PRO B 56 -2.66 18.93 15.29
N PHE B 57 -1.52 19.22 14.67
CA PHE B 57 -0.71 18.20 14.00
C PHE B 57 0.40 17.67 14.88
N ARG B 58 0.26 17.76 16.19
CA ARG B 58 1.23 17.17 17.10
C ARG B 58 0.61 16.00 17.84
N ASP C 1 -34.98 -1.51 4.93
CA ASP C 1 -33.68 -0.96 5.25
C ASP C 1 -32.86 -1.93 6.10
N VAL C 2 -33.14 -1.94 7.40
CA VAL C 2 -32.48 -2.83 8.35
C VAL C 2 -33.53 -3.56 9.16
N GLN C 3 -33.19 -4.76 9.63
CA GLN C 3 -34.10 -5.58 10.40
C GLN C 3 -33.39 -6.13 11.62
N LEU C 4 -33.96 -5.89 12.80
CA LEU C 4 -33.45 -6.43 14.06
C LEU C 4 -34.62 -7.06 14.81
N VAL C 5 -34.67 -8.38 14.86
CA VAL C 5 -35.76 -9.10 15.54
C VAL C 5 -35.14 -10.05 16.55
N GLU C 6 -35.49 -9.88 17.83
CA GLU C 6 -35.02 -10.76 18.87
C GLU C 6 -35.72 -12.12 18.80
N SER C 7 -35.06 -13.14 19.32
CA SER C 7 -35.54 -14.52 19.23
C SER C 7 -35.83 -15.04 20.63
N GLY C 8 -37.11 -15.21 20.94
CA GLY C 8 -37.54 -15.95 22.12
C GLY C 8 -37.30 -15.29 23.47
N GLY C 9 -37.89 -14.12 23.68
CA GLY C 9 -37.84 -13.48 24.97
C GLY C 9 -38.98 -13.92 25.87
N GLY C 10 -38.71 -14.86 26.77
CA GLY C 10 -39.77 -15.43 27.58
C GLY C 10 -39.39 -15.67 29.02
N LEU C 11 -40.06 -16.61 29.67
CA LEU C 11 -39.85 -16.89 31.09
C LEU C 11 -38.57 -17.68 31.31
N VAL C 12 -37.81 -17.29 32.32
CA VAL C 12 -36.59 -17.98 32.74
C VAL C 12 -36.73 -18.36 34.20
N GLN C 13 -36.31 -19.58 34.54
CA GLN C 13 -36.21 -19.97 35.94
C GLN C 13 -35.19 -19.08 36.65
N PRO C 14 -35.41 -18.74 37.92
CA PRO C 14 -34.47 -17.86 38.63
C PRO C 14 -33.11 -18.52 38.83
N GLY C 15 -32.06 -17.83 38.41
CA GLY C 15 -30.71 -18.36 38.48
C GLY C 15 -30.29 -19.24 37.33
N GLY C 16 -31.16 -19.44 36.35
CA GLY C 16 -30.89 -20.33 35.24
C GLY C 16 -30.19 -19.64 34.08
N SER C 17 -30.38 -20.20 32.89
CA SER C 17 -29.78 -19.65 31.68
C SER C 17 -30.70 -19.93 30.49
N ARG C 18 -30.64 -19.04 29.50
CA ARG C 18 -31.51 -19.11 28.33
C ARG C 18 -30.89 -18.32 27.19
N LYS C 19 -30.87 -18.91 26.00
CA LYS C 19 -30.27 -18.27 24.83
C LYS C 19 -31.18 -17.17 24.28
N LEU C 20 -30.63 -15.96 24.18
CA LEU C 20 -31.34 -14.83 23.58
C LEU C 20 -30.49 -14.26 22.45
N SER C 21 -31.14 -13.96 21.32
CA SER C 21 -30.42 -13.56 20.13
C SER C 21 -31.32 -12.68 19.27
N CYS C 22 -30.72 -11.66 18.64
CA CYS C 22 -31.45 -10.77 17.75
C CYS C 22 -31.11 -11.14 16.31
N SER C 23 -32.09 -11.69 15.60
CA SER C 23 -31.91 -12.02 14.19
C SER C 23 -31.78 -10.75 13.37
N ALA C 24 -30.83 -10.74 12.44
CA ALA C 24 -30.46 -9.54 11.72
C ALA C 24 -30.37 -9.82 10.23
N SER C 25 -30.65 -8.79 9.43
CA SER C 25 -30.55 -8.86 7.98
C SER C 25 -30.54 -7.45 7.43
N GLY C 26 -29.88 -7.28 6.28
CA GLY C 26 -29.96 -6.03 5.56
C GLY C 26 -28.95 -4.97 5.91
N PHE C 27 -27.83 -5.33 6.54
CA PHE C 27 -26.78 -4.37 6.82
C PHE C 27 -25.46 -5.10 6.98
N ALA C 28 -24.37 -4.33 6.91
CA ALA C 28 -23.02 -4.88 6.99
C ALA C 28 -22.65 -5.08 8.46
N PHE C 29 -23.21 -6.15 9.04
CA PHE C 29 -22.93 -6.51 10.42
C PHE C 29 -21.47 -6.93 10.61
N SER C 30 -20.83 -7.40 9.53
CA SER C 30 -19.40 -7.71 9.56
C SER C 30 -18.58 -6.47 9.85
N SER C 31 -18.94 -5.34 9.25
CA SER C 31 -18.25 -4.07 9.47
C SER C 31 -18.89 -3.23 10.56
N PHE C 32 -19.95 -3.71 11.18
CA PHE C 32 -20.69 -2.94 12.19
C PHE C 32 -20.34 -3.39 13.60
N GLY C 33 -20.32 -2.44 14.53
CA GLY C 33 -20.24 -2.75 15.94
C GLY C 33 -21.61 -2.91 16.56
N MET C 34 -21.71 -3.86 17.50
CA MET C 34 -22.98 -4.24 18.11
C MET C 34 -22.99 -3.94 19.59
N HIS C 35 -24.19 -3.68 20.12
CA HIS C 35 -24.39 -3.49 21.55
C HIS C 35 -25.67 -4.19 21.99
N TRP C 36 -25.80 -4.37 23.30
CA TRP C 36 -27.06 -4.78 23.92
C TRP C 36 -27.36 -3.78 25.04
N VAL C 37 -28.60 -3.31 25.10
CA VAL C 37 -29.03 -2.31 26.08
C VAL C 37 -30.26 -2.84 26.79
N ARG C 38 -30.23 -2.85 28.12
CA ARG C 38 -31.34 -3.35 28.93
C ARG C 38 -32.32 -2.24 29.27
N GLN C 39 -33.55 -2.64 29.53
CA GLN C 39 -34.59 -1.75 30.05
C GLN C 39 -35.33 -2.51 31.15
N ALA C 40 -35.18 -2.05 32.39
CA ALA C 40 -36.00 -2.58 33.47
C ALA C 40 -37.46 -2.26 33.18
N PRO C 41 -38.39 -3.14 33.56
CA PRO C 41 -39.79 -3.01 33.07
C PRO C 41 -40.49 -1.73 33.50
N GLU C 42 -40.05 -1.10 34.59
CA GLU C 42 -40.58 0.20 34.98
C GLU C 42 -39.72 1.35 34.49
N LYS C 43 -38.47 1.42 34.95
CA LYS C 43 -37.62 2.60 34.73
C LYS C 43 -36.19 2.17 34.46
N GLY C 44 -35.54 2.83 33.50
CA GLY C 44 -34.09 2.78 33.42
C GLY C 44 -33.47 2.01 32.28
N LEU C 45 -32.91 2.73 31.30
CA LEU C 45 -32.01 2.15 30.32
C LEU C 45 -30.58 2.26 30.82
N GLU C 46 -29.78 1.24 30.55
CA GLU C 46 -28.34 1.30 30.74
C GLU C 46 -27.68 0.21 29.89
N TRP C 47 -26.41 0.40 29.60
CA TRP C 47 -25.69 -0.45 28.67
C TRP C 47 -25.29 -1.76 29.32
N VAL C 48 -25.29 -2.84 28.53
CA VAL C 48 -24.98 -4.18 29.01
C VAL C 48 -23.65 -4.68 28.45
N ALA C 49 -23.56 -4.84 27.13
CA ALA C 49 -22.41 -5.48 26.52
C ALA C 49 -22.12 -4.82 25.17
N TYR C 50 -20.89 -4.99 24.72
CA TYR C 50 -20.47 -4.50 23.41
C TYR C 50 -19.56 -5.54 22.78
N ILE C 51 -19.88 -5.95 21.56
CA ILE C 51 -19.03 -6.83 20.77
C ILE C 51 -18.60 -6.07 19.53
N SER C 52 -17.29 -6.09 19.25
CA SER C 52 -16.72 -5.32 18.16
C SER C 52 -17.05 -5.95 16.81
N SER C 53 -16.78 -5.19 15.75
CA SER C 53 -17.00 -5.68 14.39
C SER C 53 -16.03 -6.82 14.04
N GLY C 54 -14.79 -6.71 14.48
CA GLY C 54 -13.80 -7.76 14.31
C GLY C 54 -13.72 -8.75 15.43
N SER C 55 -14.60 -8.65 16.44
CA SER C 55 -14.67 -9.54 17.61
C SER C 55 -13.34 -9.60 18.36
N GLY C 56 -12.70 -8.44 18.51
CA GLY C 56 -11.44 -8.36 19.21
C GLY C 56 -11.54 -7.74 20.58
N THR C 57 -12.41 -6.74 20.73
CA THR C 57 -12.61 -6.05 22.00
C THR C 57 -13.96 -6.41 22.57
N ILE C 58 -13.96 -6.90 23.81
CA ILE C 58 -15.19 -7.27 24.52
C ILE C 58 -15.20 -6.53 25.85
N TYR C 59 -16.24 -5.73 26.08
CA TYR C 59 -16.38 -4.99 27.32
C TYR C 59 -17.76 -5.26 27.91
N TYR C 60 -17.81 -5.47 29.22
CA TYR C 60 -19.03 -5.76 29.96
C TYR C 60 -19.23 -4.70 31.04
N ALA C 61 -20.35 -4.79 31.75
CA ALA C 61 -20.66 -3.86 32.83
C ALA C 61 -20.39 -4.52 34.18
N ASP C 62 -20.83 -3.87 35.26
CA ASP C 62 -20.47 -4.30 36.60
C ASP C 62 -21.16 -5.61 36.99
N THR C 63 -22.42 -5.79 36.58
CA THR C 63 -23.17 -7.01 36.86
C THR C 63 -23.21 -7.94 35.65
N VAL C 64 -22.42 -7.62 34.61
CA VAL C 64 -22.39 -8.38 33.36
C VAL C 64 -21.13 -9.26 33.26
N LYS C 65 -20.15 -9.03 34.14
CA LYS C 65 -18.88 -9.76 34.10
C LYS C 65 -19.07 -11.26 34.30
N GLY C 66 -18.55 -12.05 33.35
CA GLY C 66 -18.48 -13.48 33.49
C GLY C 66 -19.78 -14.23 33.32
N ARG C 67 -20.78 -13.90 34.15
CA ARG C 67 -22.06 -14.60 34.17
C ARG C 67 -22.89 -14.37 32.91
N PHE C 68 -22.55 -13.37 32.10
CA PHE C 68 -23.14 -13.20 30.79
C PHE C 68 -22.05 -13.43 29.76
N THR C 69 -22.39 -14.06 28.64
CA THR C 69 -21.44 -14.27 27.55
C THR C 69 -22.05 -13.78 26.23
N ILE C 70 -21.17 -13.50 25.28
CA ILE C 70 -21.57 -12.98 23.98
C ILE C 70 -20.89 -13.79 22.89
N SER C 71 -21.51 -13.80 21.70
CA SER C 71 -20.99 -14.48 20.52
C SER C 71 -21.76 -13.97 19.30
N ARG C 72 -21.24 -14.27 18.11
CA ARG C 72 -21.85 -13.79 16.89
C ARG C 72 -21.76 -14.86 15.81
N ASP C 73 -22.30 -14.54 14.64
CA ASP C 73 -22.24 -15.42 13.46
C ASP C 73 -22.41 -14.56 12.22
N ASP C 74 -21.37 -14.51 11.39
CA ASP C 74 -21.38 -13.68 10.20
C ASP C 74 -22.07 -14.27 8.96
N PRO C 75 -21.90 -15.56 8.58
CA PRO C 75 -22.66 -16.04 7.40
C PRO C 75 -24.16 -16.05 7.58
N LYS C 76 -24.66 -16.42 8.76
CA LYS C 76 -26.08 -16.28 9.05
C LYS C 76 -26.45 -14.83 9.37
N ASN C 77 -25.44 -14.01 9.70
CA ASN C 77 -25.57 -12.56 9.90
C ASN C 77 -26.52 -12.23 11.05
N THR C 78 -26.16 -12.72 12.24
CA THR C 78 -26.94 -12.43 13.45
C THR C 78 -25.98 -12.32 14.64
N LEU C 79 -26.56 -12.10 15.81
CA LEU C 79 -25.83 -11.86 17.04
C LEU C 79 -26.45 -12.65 18.18
N PHE C 80 -25.61 -13.23 19.02
CA PHE C 80 -26.05 -13.98 20.19
C PHE C 80 -25.54 -13.31 21.46
N LEU C 81 -26.20 -13.61 22.58
CA LEU C 81 -25.75 -13.17 23.89
C LEU C 81 -26.36 -14.12 24.90
N GLN C 82 -25.53 -14.81 25.66
CA GLN C 82 -26.00 -15.82 26.62
C GLN C 82 -25.94 -15.24 28.02
N MET C 83 -27.05 -15.36 28.75
CA MET C 83 -27.17 -14.87 30.11
C MET C 83 -27.35 -16.03 31.07
N THR C 84 -26.53 -16.08 32.11
CA THR C 84 -26.66 -17.07 33.17
C THR C 84 -26.95 -16.37 34.49
N SER C 85 -27.51 -17.15 35.43
CA SER C 85 -27.82 -16.73 36.80
C SER C 85 -28.73 -15.51 36.82
N LEU C 86 -29.96 -15.74 36.34
CA LEU C 86 -30.92 -14.67 36.14
C LEU C 86 -31.77 -14.48 37.39
N ARG C 87 -31.86 -13.23 37.84
CA ARG C 87 -32.68 -12.86 38.99
C ARG C 87 -33.54 -11.65 38.66
N SER C 88 -34.13 -11.02 39.69
CA SER C 88 -35.03 -9.89 39.48
C SER C 88 -34.33 -8.70 38.84
N GLU C 89 -33.10 -8.39 39.29
CA GLU C 89 -32.34 -7.34 38.65
C GLU C 89 -31.92 -7.74 37.24
N ASP C 90 -31.58 -9.01 37.04
CA ASP C 90 -31.16 -9.47 35.71
C ASP C 90 -32.32 -9.48 34.72
N THR C 91 -33.56 -9.51 35.20
CA THR C 91 -34.71 -9.41 34.30
C THR C 91 -34.86 -7.98 33.80
N ALA C 92 -34.87 -7.83 32.47
CA ALA C 92 -35.04 -6.53 31.85
C ALA C 92 -35.54 -6.75 30.43
N MET C 93 -35.96 -5.65 29.80
CA MET C 93 -36.39 -5.67 28.41
C MET C 93 -35.15 -5.27 27.61
N TYR C 94 -34.34 -6.26 27.29
CA TYR C 94 -33.06 -6.02 26.62
C TYR C 94 -33.30 -5.70 25.16
N TYR C 95 -32.54 -4.76 24.62
CA TYR C 95 -32.68 -4.31 23.25
C TYR C 95 -31.41 -4.65 22.47
N CYS C 96 -31.57 -5.33 21.33
CA CYS C 96 -30.44 -5.55 20.45
C CYS C 96 -30.10 -4.25 19.73
N VAL C 97 -28.83 -3.88 19.74
CA VAL C 97 -28.36 -2.61 19.22
C VAL C 97 -27.26 -2.87 18.19
N ARG C 98 -27.34 -2.18 17.07
CA ARG C 98 -26.21 -2.02 16.17
C ARG C 98 -25.68 -0.60 16.31
N SER C 99 -24.37 -0.44 16.09
CA SER C 99 -23.73 0.86 16.33
C SER C 99 -22.44 0.93 15.53
N ILE C 100 -22.43 1.70 14.47
CA ILE C 100 -21.23 1.86 13.66
C ILE C 100 -20.37 2.96 14.27
N TYR C 101 -19.05 2.79 14.22
CA TYR C 101 -18.11 3.67 14.90
C TYR C 101 -17.04 4.15 13.94
N TYR C 102 -17.08 5.44 13.62
CA TYR C 102 -15.97 6.22 13.06
C TYR C 102 -16.29 7.69 13.32
N TYR C 103 -15.56 8.58 12.66
CA TYR C 103 -15.86 10.00 12.76
C TYR C 103 -17.17 10.30 12.03
N GLY C 104 -18.13 10.89 12.75
CA GLY C 104 -19.40 11.25 12.16
C GLY C 104 -20.40 10.12 12.08
N SER C 105 -20.02 8.92 12.48
CA SER C 105 -20.95 7.81 12.54
C SER C 105 -22.00 8.05 13.63
N SER C 106 -23.15 7.42 13.48
CA SER C 106 -24.25 7.54 14.43
C SER C 106 -24.44 6.21 15.12
N PRO C 107 -23.73 5.93 16.20
CA PRO C 107 -23.98 4.70 16.95
C PRO C 107 -25.31 4.78 17.68
N PHE C 108 -25.84 3.60 18.02
CA PHE C 108 -27.11 3.43 18.72
C PHE C 108 -28.27 4.08 17.95
N ASP C 109 -28.33 3.81 16.65
CA ASP C 109 -29.33 4.44 15.82
C ASP C 109 -30.60 3.60 15.67
N PHE C 110 -30.48 2.28 15.76
CA PHE C 110 -31.62 1.39 15.58
C PHE C 110 -31.64 0.32 16.66
N TRP C 111 -32.83 -0.22 16.89
CA TRP C 111 -33.08 -1.19 17.95
C TRP C 111 -33.95 -2.31 17.42
N GLY C 112 -34.20 -3.29 18.27
CA GLY C 112 -35.14 -4.35 18.04
C GLY C 112 -36.48 -4.07 18.70
N GLN C 113 -37.15 -5.14 19.09
CA GLN C 113 -38.42 -5.03 19.81
C GLN C 113 -38.28 -5.30 21.31
N GLY C 114 -37.46 -6.26 21.70
CA GLY C 114 -37.15 -6.48 23.09
C GLY C 114 -37.15 -7.94 23.49
N THR C 115 -36.54 -8.22 24.64
CA THR C 115 -36.52 -9.54 25.24
C THR C 115 -37.34 -9.48 26.53
N THR C 116 -38.54 -10.07 26.49
CA THR C 116 -39.45 -10.06 27.64
C THR C 116 -39.04 -11.19 28.58
N LEU C 117 -38.09 -10.91 29.46
CA LEU C 117 -37.56 -11.90 30.38
C LEU C 117 -38.04 -11.58 31.79
N THR C 118 -38.84 -12.47 32.36
CA THR C 118 -39.29 -12.39 33.75
C THR C 118 -38.98 -13.70 34.46
N VAL C 119 -38.48 -13.59 35.69
CA VAL C 119 -38.23 -14.77 36.52
C VAL C 119 -39.36 -14.92 37.51
N SER C 120 -39.54 -16.15 37.99
CA SER C 120 -40.57 -16.57 38.97
C SER C 120 -41.98 -16.12 38.59
N SER C 136 -14.65 4.61 40.01
CA SER C 136 -16.04 4.21 40.23
C SER C 136 -16.83 4.29 38.92
N ASP C 137 -18.02 4.88 39.00
CA ASP C 137 -18.93 5.00 37.87
C ASP C 137 -19.30 6.46 37.68
N ILE C 138 -19.34 6.90 36.42
CA ILE C 138 -19.82 8.25 36.14
C ILE C 138 -21.32 8.28 36.37
N VAL C 139 -21.79 9.33 37.06
CA VAL C 139 -23.18 9.45 37.44
C VAL C 139 -23.80 10.55 36.60
N MET C 140 -24.84 10.20 35.84
CA MET C 140 -25.64 11.17 35.11
C MET C 140 -27.10 11.01 35.52
N THR C 141 -27.78 12.13 35.73
CA THR C 141 -29.16 12.13 36.16
C THR C 141 -29.87 13.30 35.47
N GLN C 142 -31.00 13.01 34.86
CA GLN C 142 -31.86 14.08 34.36
C GLN C 142 -32.60 14.72 35.52
N ALA C 143 -32.81 16.04 35.43
CA ALA C 143 -33.12 16.87 36.60
C ALA C 143 -34.46 16.49 37.23
N THR C 144 -35.52 16.45 36.44
CA THR C 144 -36.80 15.92 36.89
C THR C 144 -37.27 14.89 35.87
N SER C 145 -37.91 13.84 36.36
CA SER C 145 -38.28 12.72 35.49
C SER C 145 -39.68 12.83 34.93
N SER C 146 -40.40 13.93 35.20
CA SER C 146 -41.78 14.07 34.74
C SER C 146 -42.08 15.54 34.53
N VAL C 147 -42.39 15.93 33.29
CA VAL C 147 -42.68 17.31 32.94
C VAL C 147 -44.01 17.37 32.21
N PRO C 148 -45.02 18.06 32.75
CA PRO C 148 -46.26 18.28 31.99
C PRO C 148 -46.09 19.42 30.99
N VAL C 149 -46.51 19.20 29.74
CA VAL C 149 -46.27 20.11 28.65
C VAL C 149 -47.59 20.43 27.95
N THR C 150 -47.48 21.22 26.88
CA THR C 150 -48.58 21.63 26.02
C THR C 150 -48.08 21.54 24.59
N PRO C 151 -48.89 21.00 23.65
CA PRO C 151 -48.40 20.79 22.29
C PRO C 151 -48.23 22.08 21.51
N GLY C 152 -47.06 22.70 21.66
CA GLY C 152 -46.74 23.92 20.93
C GLY C 152 -45.88 24.91 21.66
N GLU C 153 -45.63 24.69 22.95
CA GLU C 153 -44.77 25.56 23.74
C GLU C 153 -43.44 24.88 24.03
N SER C 154 -42.39 25.68 24.10
CA SER C 154 -41.04 25.15 24.22
C SER C 154 -40.71 24.78 25.67
N VAL C 155 -40.07 23.63 25.84
CA VAL C 155 -39.65 23.15 27.15
C VAL C 155 -38.18 22.78 27.10
N SER C 156 -37.59 22.61 28.28
CA SER C 156 -36.20 22.25 28.42
C SER C 156 -36.05 21.14 29.45
N ILE C 157 -35.15 20.19 29.18
CA ILE C 157 -34.82 19.13 30.11
C ILE C 157 -33.30 18.97 30.10
N SER C 158 -32.72 18.73 31.28
CA SER C 158 -31.28 18.71 31.45
C SER C 158 -30.84 17.40 32.08
N CYS C 159 -29.95 16.69 31.41
CA CYS C 159 -29.22 15.58 32.03
C CYS C 159 -28.02 16.17 32.77
N ARG C 160 -27.95 15.91 34.08
CA ARG C 160 -26.88 16.44 34.92
C ARG C 160 -25.88 15.31 35.20
N SER C 161 -24.69 15.44 34.65
CA SER C 161 -23.62 14.47 34.88
C SER C 161 -22.94 14.76 36.22
N SER C 162 -21.83 14.08 36.48
CA SER C 162 -21.04 14.33 37.68
C SER C 162 -19.63 14.81 37.38
N LYS C 163 -19.04 14.40 36.27
CA LYS C 163 -17.74 14.90 35.82
C LYS C 163 -17.90 15.44 34.41
N SER C 164 -16.96 16.30 34.02
CA SER C 164 -17.03 16.97 32.73
C SER C 164 -16.86 15.99 31.58
N LEU C 165 -17.45 16.32 30.45
CA LEU C 165 -17.51 15.42 29.31
C LEU C 165 -16.55 15.82 28.20
N LEU C 166 -15.73 16.85 28.41
CA LEU C 166 -14.93 17.44 27.35
C LEU C 166 -13.58 16.74 27.30
N HIS C 167 -13.27 16.12 26.15
CA HIS C 167 -12.01 15.42 25.95
C HIS C 167 -10.87 16.43 25.76
N SER C 168 -9.64 15.91 25.81
CA SER C 168 -8.46 16.75 25.60
C SER C 168 -8.38 17.30 24.18
N ASN C 169 -8.98 16.60 23.21
CA ASN C 169 -8.96 17.05 21.82
C ASN C 169 -9.96 18.15 21.52
N GLY C 170 -10.79 18.53 22.49
CA GLY C 170 -11.70 19.64 22.35
C GLY C 170 -13.11 19.28 21.93
N ASN C 171 -13.38 18.02 21.62
CA ASN C 171 -14.70 17.59 21.17
C ASN C 171 -15.27 16.58 22.15
N THR C 172 -16.42 16.91 22.73
CA THR C 172 -17.10 16.01 23.64
C THR C 172 -17.82 14.91 22.88
N TYR C 173 -18.22 13.87 23.61
CA TYR C 173 -18.95 12.75 23.05
C TYR C 173 -20.12 12.45 23.98
N LEU C 174 -21.34 12.69 23.49
CA LEU C 174 -22.53 12.71 24.34
C LEU C 174 -23.78 12.57 23.47
N TYR C 175 -24.52 11.47 23.65
CA TYR C 175 -25.62 11.10 22.77
C TYR C 175 -26.95 11.14 23.52
N TRP C 176 -27.99 11.69 22.87
CA TRP C 176 -29.28 11.88 23.51
C TRP C 176 -30.38 11.16 22.74
N PHE C 177 -31.37 10.65 23.48
CA PHE C 177 -32.30 9.66 22.96
C PHE C 177 -33.73 10.00 23.32
N LEU C 178 -34.66 9.55 22.47
CA LEU C 178 -36.09 9.70 22.70
C LEU C 178 -36.73 8.33 22.59
N GLN C 179 -37.45 7.92 23.63
CA GLN C 179 -38.26 6.71 23.60
C GLN C 179 -39.72 7.09 23.47
N ARG C 180 -40.36 6.62 22.41
CA ARG C 180 -41.77 6.83 22.15
C ARG C 180 -42.60 5.95 23.08
N PRO C 181 -43.91 6.28 23.32
CA PRO C 181 -44.61 5.62 24.44
C PRO C 181 -44.95 4.15 24.22
N GLY C 182 -43.99 3.28 24.50
CA GLY C 182 -44.20 1.86 24.41
C GLY C 182 -43.74 1.17 23.14
N GLN C 183 -42.87 1.83 22.36
CA GLN C 183 -42.36 1.26 21.12
C GLN C 183 -40.85 1.51 21.09
N SER C 184 -40.24 1.28 19.92
CA SER C 184 -38.80 1.35 19.81
C SER C 184 -38.33 2.81 19.84
N PRO C 185 -37.25 3.10 20.57
CA PRO C 185 -36.78 4.48 20.71
C PRO C 185 -36.04 4.96 19.46
N GLN C 186 -35.51 6.18 19.54
CA GLN C 186 -34.70 6.77 18.49
C GLN C 186 -33.55 7.55 19.12
N LEU C 187 -32.61 7.98 18.28
CA LEU C 187 -31.56 8.91 18.67
C LEU C 187 -31.88 10.27 18.07
N LEU C 188 -31.84 11.31 18.90
CA LEU C 188 -32.14 12.66 18.42
C LEU C 188 -30.88 13.39 17.98
N ILE C 189 -29.95 13.59 18.89
CA ILE C 189 -28.73 14.36 18.63
C ILE C 189 -27.55 13.59 19.18
N TYR C 190 -26.47 13.52 18.41
CA TYR C 190 -25.26 12.83 18.81
C TYR C 190 -24.08 13.80 18.84
N ARG C 191 -23.19 13.56 19.80
CA ARG C 191 -22.03 14.40 20.20
C ARG C 191 -22.32 15.90 20.11
N MET C 192 -23.41 16.31 20.78
CA MET C 192 -23.65 17.68 21.23
C MET C 192 -23.95 18.68 20.12
N SER C 193 -23.73 18.31 18.87
CA SER C 193 -23.86 19.28 17.78
C SER C 193 -24.54 18.75 16.54
N ASN C 194 -24.72 17.44 16.40
CA ASN C 194 -25.13 16.83 15.14
C ASN C 194 -26.49 16.17 15.32
N LEU C 195 -27.45 16.58 14.50
CA LEU C 195 -28.78 16.00 14.51
C LEU C 195 -28.79 14.72 13.68
N ALA C 196 -29.60 13.76 14.10
CA ALA C 196 -29.71 12.49 13.41
C ALA C 196 -30.69 12.57 12.25
N SER C 197 -30.56 11.61 11.34
CA SER C 197 -31.46 11.52 10.19
C SER C 197 -32.86 11.10 10.63
N GLY C 198 -33.86 11.60 9.91
CA GLY C 198 -35.24 11.31 10.26
C GLY C 198 -35.74 12.02 11.50
N VAL C 199 -35.01 13.01 11.98
CA VAL C 199 -35.33 13.72 13.22
C VAL C 199 -35.55 15.18 12.86
N PRO C 200 -36.66 15.80 13.27
CA PRO C 200 -36.89 17.21 12.96
C PRO C 200 -35.91 18.12 13.69
N ASP C 201 -35.65 19.29 13.08
CA ASP C 201 -34.70 20.25 13.62
C ASP C 201 -35.20 20.94 14.88
N ARG C 202 -36.48 20.77 15.23
CA ARG C 202 -37.04 21.39 16.41
C ARG C 202 -36.41 20.85 17.70
N PHE C 203 -35.87 19.64 17.65
CA PHE C 203 -35.11 19.08 18.77
C PHE C 203 -33.65 19.51 18.62
N SER C 204 -33.07 20.04 19.71
CA SER C 204 -31.70 20.52 19.66
C SER C 204 -31.11 20.52 21.07
N GLY C 205 -29.99 19.83 21.25
CA GLY C 205 -29.32 19.82 22.53
C GLY C 205 -28.44 21.05 22.74
N SER C 206 -28.12 21.29 24.00
CA SER C 206 -27.32 22.45 24.38
C SER C 206 -26.69 22.18 25.75
N GLY C 207 -25.99 23.18 26.26
CA GLY C 207 -25.34 23.10 27.55
C GLY C 207 -23.86 23.43 27.47
N SER C 208 -23.21 23.36 28.63
CA SER C 208 -21.79 23.64 28.74
C SER C 208 -21.01 22.33 28.62
N GLY C 209 -19.71 22.37 28.92
CA GLY C 209 -18.90 21.16 28.88
C GLY C 209 -19.16 20.21 30.03
N THR C 210 -19.76 20.70 31.11
CA THR C 210 -20.10 19.89 32.28
C THR C 210 -21.60 19.75 32.48
N ALA C 211 -22.36 20.83 32.23
CA ALA C 211 -23.81 20.79 32.30
C ALA C 211 -24.40 20.77 30.90
N PHE C 212 -25.48 20.03 30.72
CA PHE C 212 -26.10 19.80 29.43
C PHE C 212 -27.61 19.90 29.56
N THR C 213 -28.27 20.50 28.56
CA THR C 213 -29.71 20.66 28.61
C THR C 213 -30.31 20.68 27.21
N LEU C 214 -31.52 20.16 27.09
CA LEU C 214 -32.21 20.06 25.81
C LEU C 214 -33.06 21.30 25.57
N THR C 215 -33.19 21.67 24.30
CA THR C 215 -34.04 22.78 23.87
C THR C 215 -35.12 22.21 22.97
N ILE C 216 -36.20 21.71 23.57
CA ILE C 216 -37.35 21.24 22.82
C ILE C 216 -38.17 22.44 22.39
N SER C 217 -38.39 22.59 21.09
CA SER C 217 -39.12 23.73 20.55
C SER C 217 -40.33 23.23 19.77
N ARG C 218 -41.51 23.77 20.12
CA ARG C 218 -42.78 23.55 19.40
C ARG C 218 -43.13 22.07 19.28
N LEU C 219 -43.17 21.41 20.43
CA LEU C 219 -43.48 19.99 20.48
C LEU C 219 -44.93 19.74 20.09
N GLU C 220 -45.21 18.53 19.61
CA GLU C 220 -46.56 18.12 19.27
C GLU C 220 -46.76 16.68 19.73
N ALA C 221 -47.82 16.04 19.24
CA ALA C 221 -48.33 14.81 19.83
C ALA C 221 -47.69 13.56 19.22
N GLU C 222 -46.36 13.54 19.12
CA GLU C 222 -45.62 12.30 18.99
C GLU C 222 -44.31 12.32 19.77
N ASP C 223 -43.97 13.42 20.42
CA ASP C 223 -42.74 13.55 21.21
C ASP C 223 -42.90 12.99 22.62
N VAL C 224 -44.09 12.47 22.96
CA VAL C 224 -44.37 11.97 24.29
C VAL C 224 -43.52 10.72 24.56
N GLY C 225 -43.04 10.60 25.79
CA GLY C 225 -42.31 9.42 26.22
C GLY C 225 -41.14 9.81 27.08
N VAL C 226 -40.32 8.82 27.44
CA VAL C 226 -39.17 9.06 28.30
C VAL C 226 -37.97 9.44 27.44
N TYR C 227 -37.15 10.35 27.98
CA TYR C 227 -36.00 10.91 27.28
C TYR C 227 -34.74 10.53 28.05
N TYR C 228 -33.65 10.34 27.32
CA TYR C 228 -32.43 9.82 27.93
C TYR C 228 -31.21 10.58 27.42
N CYS C 229 -30.15 10.54 28.22
CA CYS C 229 -28.81 10.94 27.81
C CYS C 229 -27.97 9.68 27.59
N MET C 230 -26.73 9.88 27.16
CA MET C 230 -25.62 8.92 27.10
C MET C 230 -24.37 9.67 26.63
N GLN C 231 -23.21 9.23 27.10
CA GLN C 231 -21.94 9.86 26.78
C GLN C 231 -21.00 8.86 26.09
N HIS C 232 -19.86 9.36 25.60
CA HIS C 232 -18.79 8.49 25.14
C HIS C 232 -17.39 9.06 25.40
N LEU C 233 -17.19 9.80 26.49
CA LEU C 233 -15.83 10.20 26.88
C LEU C 233 -15.17 9.16 27.77
N GLU C 234 -15.94 8.53 28.64
CA GLU C 234 -15.50 7.40 29.42
C GLU C 234 -16.41 6.22 29.08
N TYR C 235 -15.85 5.01 29.14
CA TYR C 235 -16.66 3.82 28.88
C TYR C 235 -17.86 3.65 29.82
N PRO C 236 -17.79 3.90 31.13
CA PRO C 236 -19.03 3.89 31.92
C PRO C 236 -20.06 4.88 31.39
N LEU C 237 -21.29 4.42 31.26
CA LEU C 237 -22.33 5.35 30.80
C LEU C 237 -23.16 5.83 31.99
N THR C 238 -23.92 4.90 32.57
CA THR C 238 -24.85 5.10 33.69
C THR C 238 -25.58 6.46 33.60
N PHE C 239 -26.32 6.62 32.51
CA PHE C 239 -26.94 7.91 32.24
C PHE C 239 -28.18 8.07 33.09
N GLY C 240 -28.95 9.13 32.83
CA GLY C 240 -30.13 9.40 33.62
C GLY C 240 -31.18 8.33 33.46
N ALA C 241 -31.98 8.14 34.51
CA ALA C 241 -32.99 7.09 34.50
C ALA C 241 -34.14 7.36 33.54
N GLY C 242 -34.26 8.58 33.04
CA GLY C 242 -35.31 8.95 32.11
C GLY C 242 -36.02 10.21 32.54
N THR C 243 -36.81 10.74 31.60
CA THR C 243 -37.68 11.88 31.89
C THR C 243 -38.94 11.75 31.05
N LYS C 244 -40.06 11.48 31.71
CA LYS C 244 -41.34 11.48 31.03
C LYS C 244 -41.71 12.89 30.60
N LEU C 245 -42.23 13.03 29.39
CA LEU C 245 -42.75 14.29 28.88
C LEU C 245 -44.24 14.06 28.62
N GLU C 246 -45.04 14.30 29.66
CA GLU C 246 -46.47 13.99 29.61
C GLU C 246 -47.27 15.19 29.11
N LEU C 247 -48.39 14.90 28.48
CA LEU C 247 -49.25 15.93 27.90
C LEU C 247 -50.02 16.69 28.97
N SER D 167 56.84 -24.68 21.73
CA SER D 167 56.18 -25.49 20.72
C SER D 167 54.68 -25.15 20.63
N PHE D 168 53.93 -25.72 21.57
CA PHE D 168 52.50 -25.48 21.63
C PHE D 168 52.19 -24.00 21.90
N GLU D 169 52.95 -23.39 22.81
CA GLU D 169 52.69 -22.00 23.17
C GLU D 169 53.02 -21.05 22.01
N GLU D 170 54.12 -21.29 21.28
CA GLU D 170 54.47 -20.39 20.20
C GLU D 170 53.55 -20.58 19.00
N SER D 171 53.16 -21.83 18.72
CA SER D 171 52.20 -22.08 17.65
C SER D 171 50.85 -21.44 17.95
N ARG D 172 50.42 -21.50 19.21
CA ARG D 172 49.16 -20.87 19.58
C ARG D 172 49.23 -19.35 19.52
N ILE D 173 50.35 -18.74 19.93
CA ILE D 173 50.38 -17.27 19.91
C ILE D 173 50.50 -16.75 18.48
N VAL D 174 51.27 -17.43 17.61
CA VAL D 174 51.32 -16.96 16.23
C VAL D 174 49.99 -17.24 15.52
N LEU D 175 49.28 -18.30 15.95
CA LEU D 175 47.97 -18.57 15.37
C LEU D 175 46.96 -17.50 15.78
N VAL D 176 46.93 -17.11 17.06
CA VAL D 176 45.96 -16.10 17.45
C VAL D 176 46.35 -14.72 16.88
N VAL D 177 47.63 -14.50 16.61
CA VAL D 177 48.04 -13.29 15.88
C VAL D 177 47.45 -13.27 14.48
N VAL D 178 47.54 -14.40 13.75
CA VAL D 178 46.95 -14.39 12.40
C VAL D 178 45.42 -14.50 12.46
N TYR D 179 44.86 -14.98 13.57
CA TYR D 179 43.41 -14.86 13.81
C TYR D 179 43.00 -13.39 13.85
N SER D 180 43.76 -12.59 14.61
CA SER D 180 43.49 -11.15 14.68
C SER D 180 43.68 -10.49 13.32
N ALA D 181 44.70 -10.90 12.57
CA ALA D 181 44.93 -10.34 11.23
C ALA D 181 43.79 -10.67 10.28
N VAL D 182 43.32 -11.93 10.30
CA VAL D 182 42.20 -12.36 9.48
C VAL D 182 40.94 -11.58 9.86
N CYS D 183 40.72 -11.38 11.15
CA CYS D 183 39.56 -10.63 11.60
C CYS D 183 39.61 -9.17 11.19
N THR D 184 40.80 -8.55 11.26
CA THR D 184 40.93 -7.16 10.81
C THR D 184 40.73 -7.03 9.31
N LEU D 185 41.15 -8.06 8.55
CA LEU D 185 40.84 -8.08 7.12
C LEU D 185 39.37 -8.39 6.85
N GLY D 186 38.68 -8.99 7.80
CA GLY D 186 37.31 -9.43 7.58
C GLY D 186 36.20 -8.47 7.96
N VAL D 187 36.33 -7.81 9.11
CA VAL D 187 35.23 -7.09 9.79
C VAL D 187 34.43 -6.08 8.97
N PRO D 188 35.01 -5.20 8.10
CA PRO D 188 34.14 -4.24 7.40
C PRO D 188 33.23 -4.89 6.38
N ALA D 189 33.62 -6.05 5.84
CA ALA D 189 32.73 -6.80 4.95
C ALA D 189 31.47 -7.26 5.68
N ASN D 190 31.64 -7.79 6.90
CA ASN D 190 30.48 -8.21 7.69
C ASN D 190 29.63 -7.01 8.08
N CYS D 191 30.25 -5.89 8.44
CA CYS D 191 29.49 -4.70 8.82
C CYS D 191 28.70 -4.13 7.62
N LEU D 192 29.32 -4.08 6.44
CA LEU D 192 28.62 -3.57 5.28
C LEU D 192 27.53 -4.51 4.80
N THR D 193 27.74 -5.83 4.92
CA THR D 193 26.67 -6.74 4.53
C THR D 193 25.52 -6.70 5.53
N ALA D 194 25.81 -6.46 6.80
CA ALA D 194 24.77 -6.21 7.79
C ALA D 194 23.94 -4.99 7.43
N TRP D 195 24.63 -3.90 7.06
CA TRP D 195 23.91 -2.67 6.69
C TRP D 195 23.12 -2.84 5.41
N LEU D 196 23.67 -3.55 4.42
CA LEU D 196 22.98 -3.81 3.17
C LEU D 196 21.75 -4.69 3.39
N ALA D 197 21.86 -5.70 4.24
CA ALA D 197 20.71 -6.53 4.59
C ALA D 197 19.65 -5.72 5.30
N LEU D 198 20.06 -4.82 6.21
CA LEU D 198 19.11 -4.00 6.94
C LEU D 198 18.34 -3.06 6.02
N LEU D 199 19.02 -2.45 5.05
CA LEU D 199 18.27 -1.59 4.12
C LEU D 199 17.47 -2.40 3.12
N GLN D 200 17.91 -3.62 2.79
CA GLN D 200 17.16 -4.49 1.90
C GLN D 200 15.92 -5.06 2.58
N VAL D 201 15.89 -5.11 3.91
CA VAL D 201 14.71 -5.58 4.65
C VAL D 201 13.50 -4.66 4.44
N LEU D 202 13.76 -3.38 4.12
CA LEU D 202 12.69 -2.40 3.87
C LEU D 202 11.78 -2.84 2.71
N GLN D 203 12.36 -3.44 1.67
CA GLN D 203 11.57 -4.10 0.65
C GLN D 203 11.39 -5.57 1.05
N GLY D 204 10.15 -6.04 1.04
CA GLY D 204 9.82 -7.37 1.50
C GLY D 204 10.50 -8.49 0.73
N ASN D 205 11.46 -9.15 1.37
CA ASN D 205 12.24 -10.20 0.74
C ASN D 205 12.64 -11.21 1.80
N VAL D 206 12.45 -12.49 1.50
CA VAL D 206 12.83 -13.56 2.43
C VAL D 206 14.35 -13.59 2.59
N LEU D 207 15.09 -13.46 1.49
CA LEU D 207 16.55 -13.47 1.56
C LEU D 207 17.11 -12.26 2.28
N ALA D 208 16.37 -11.14 2.29
CA ALA D 208 16.82 -9.95 3.01
C ALA D 208 16.85 -10.17 4.52
N VAL D 209 15.75 -10.67 5.08
CA VAL D 209 15.71 -10.91 6.52
C VAL D 209 16.58 -12.11 6.88
N TYR D 210 16.78 -13.04 5.95
CA TYR D 210 17.69 -14.15 6.21
C TYR D 210 19.14 -13.67 6.26
N LEU D 211 19.52 -12.72 5.40
CA LEU D 211 20.84 -12.11 5.52
C LEU D 211 20.93 -11.23 6.76
N LEU D 212 19.81 -10.65 7.20
CA LEU D 212 19.81 -9.89 8.46
C LEU D 212 20.13 -10.79 9.65
N CYS D 213 19.47 -11.93 9.76
CA CYS D 213 19.77 -12.81 10.89
C CYS D 213 21.10 -13.54 10.71
N LEU D 214 21.56 -13.71 9.48
CA LEU D 214 22.93 -14.17 9.27
C LEU D 214 23.92 -13.13 9.78
N ALA D 215 23.62 -11.84 9.58
CA ALA D 215 24.44 -10.78 10.17
C ALA D 215 24.32 -10.76 11.68
N LEU D 216 23.15 -11.08 12.22
CA LEU D 216 22.96 -11.10 13.67
C LEU D 216 23.71 -12.26 14.31
N CYS D 217 23.93 -13.35 13.56
CA CYS D 217 24.77 -14.43 14.03
C CYS D 217 26.20 -14.37 13.49
N GLU D 218 26.55 -13.34 12.73
CA GLU D 218 27.91 -13.15 12.25
C GLU D 218 28.56 -12.00 13.01
N LEU D 219 29.87 -12.15 13.24
CA LEU D 219 30.84 -11.21 13.78
C LEU D 219 30.72 -11.00 15.29
N LEU D 220 29.68 -11.53 15.97
CA LEU D 220 29.51 -11.29 17.40
C LEU D 220 30.65 -11.92 18.21
N TYR D 221 31.06 -13.12 17.84
CA TYR D 221 32.25 -13.74 18.41
C TYR D 221 33.50 -13.44 17.60
N THR D 222 33.33 -13.27 16.28
CA THR D 222 34.47 -13.12 15.37
C THR D 222 35.22 -11.82 15.63
N GLY D 223 34.50 -10.69 15.73
CA GLY D 223 35.14 -9.42 15.98
C GLY D 223 35.65 -9.26 17.40
N THR D 224 35.05 -9.97 18.36
CA THR D 224 35.48 -9.90 19.74
C THR D 224 36.63 -10.82 20.08
N LEU D 225 36.92 -11.82 19.22
CA LEU D 225 38.08 -12.67 19.44
C LEU D 225 39.41 -11.93 19.51
N PRO D 226 39.76 -10.99 18.62
CA PRO D 226 41.03 -10.26 18.80
C PRO D 226 41.08 -9.40 20.05
N LEU D 227 39.94 -9.04 20.65
CA LEU D 227 39.96 -8.30 21.90
C LEU D 227 40.58 -9.13 23.03
N TRP D 228 40.14 -10.39 23.16
CA TRP D 228 40.77 -11.27 24.15
C TRP D 228 42.18 -11.64 23.75
N VAL D 229 42.46 -11.73 22.43
CA VAL D 229 43.81 -12.03 21.95
C VAL D 229 44.78 -10.94 22.37
N ILE D 230 44.41 -9.68 22.18
CA ILE D 230 45.28 -8.57 22.57
C ILE D 230 45.20 -8.27 24.06
N TYR D 231 44.16 -8.77 24.75
CA TYR D 231 44.15 -8.76 26.20
C TYR D 231 45.33 -9.59 26.71
N ILE D 232 45.27 -10.89 26.44
CA ILE D 232 46.39 -11.78 26.72
C ILE D 232 46.43 -12.87 25.65
N ARG D 233 47.62 -13.32 25.32
CA ARG D 233 47.76 -14.54 24.55
C ARG D 233 47.41 -15.70 25.49
N ASN D 234 46.20 -16.22 25.36
CA ASN D 234 45.69 -17.21 26.31
C ASN D 234 46.45 -18.51 26.17
N GLN D 235 47.05 -18.96 27.27
CA GLN D 235 47.73 -20.24 27.33
C GLN D 235 47.04 -21.10 28.37
N HIS D 236 45.70 -21.17 28.27
CA HIS D 236 44.80 -21.79 29.24
C HIS D 236 44.94 -21.16 30.62
N ARG D 237 45.01 -19.83 30.64
CA ARG D 237 44.90 -19.06 31.87
C ARG D 237 43.47 -18.56 32.01
N TRP D 238 42.93 -18.65 33.23
CA TRP D 238 41.50 -18.44 33.47
C TRP D 238 41.29 -17.50 34.64
N THR D 239 41.29 -16.20 34.35
CA THR D 239 41.07 -15.20 35.38
C THR D 239 39.59 -15.01 35.69
N LEU D 240 38.72 -15.27 34.72
CA LEU D 240 37.29 -15.05 34.88
C LEU D 240 36.66 -16.20 35.66
N GLY D 241 35.35 -16.11 35.84
CA GLY D 241 34.61 -17.13 36.57
C GLY D 241 34.00 -18.18 35.68
N LEU D 242 34.52 -18.28 34.45
CA LEU D 242 34.23 -19.29 33.42
C LEU D 242 32.86 -19.10 32.77
N LEU D 243 32.02 -18.23 33.32
CA LEU D 243 30.68 -18.01 32.79
C LEU D 243 30.72 -17.33 31.44
N ALA D 244 31.57 -16.30 31.31
CA ALA D 244 31.71 -15.58 30.05
C ALA D 244 32.29 -16.47 28.97
N CYS D 245 33.25 -17.34 29.32
CA CYS D 245 33.81 -18.25 28.31
C CYS D 245 32.80 -19.32 27.90
N LYS D 246 31.95 -19.78 28.83
CA LYS D 246 30.87 -20.67 28.42
C LYS D 246 29.89 -19.96 27.50
N VAL D 247 29.66 -18.66 27.73
CA VAL D 247 28.83 -17.87 26.84
C VAL D 247 29.46 -17.76 25.46
N THR D 248 30.79 -17.55 25.39
CA THR D 248 31.46 -17.46 24.10
C THR D 248 31.46 -18.81 23.38
N ALA D 249 31.62 -19.90 24.11
CA ALA D 249 31.54 -21.23 23.51
C ALA D 249 30.15 -21.50 22.97
N TYR D 250 29.11 -21.10 23.71
CA TYR D 250 27.74 -21.21 23.22
C TYR D 250 27.54 -20.38 21.97
N ILE D 251 28.08 -19.16 21.95
CA ILE D 251 27.93 -18.26 20.81
C ILE D 251 28.60 -18.86 19.57
N PHE D 252 29.82 -19.39 19.74
CA PHE D 252 30.54 -19.92 18.58
C PHE D 252 29.91 -21.21 18.06
N PHE D 253 29.58 -22.16 18.95
CA PHE D 253 28.98 -23.41 18.51
C PHE D 253 27.60 -23.20 17.90
N CYS D 254 26.78 -22.34 18.52
CA CYS D 254 25.47 -22.01 17.97
C CYS D 254 25.60 -21.26 16.66
N ASN D 255 26.62 -20.41 16.52
CA ASN D 255 26.85 -19.70 15.27
C ASN D 255 27.20 -20.66 14.15
N ILE D 256 28.01 -21.69 14.45
CA ILE D 256 28.32 -22.71 13.46
C ILE D 256 27.05 -23.46 13.05
N TYR D 257 26.24 -23.85 14.04
CA TYR D 257 25.03 -24.63 13.75
C TYR D 257 24.02 -23.81 12.95
N VAL D 258 23.80 -22.55 13.34
CA VAL D 258 22.82 -21.73 12.63
C VAL D 258 23.36 -21.32 11.26
N SER D 259 24.67 -21.13 11.11
CA SER D 259 25.20 -20.78 9.80
C SER D 259 25.04 -21.93 8.82
N ILE D 260 25.36 -23.15 9.26
CA ILE D 260 25.23 -24.31 8.39
C ILE D 260 23.76 -24.58 8.04
N LEU D 261 22.89 -24.63 9.06
CA LEU D 261 21.49 -24.95 8.78
C LEU D 261 20.78 -23.80 8.08
N PHE D 262 21.26 -22.56 8.25
CA PHE D 262 20.65 -21.43 7.59
C PHE D 262 21.04 -21.35 6.12
N LEU D 263 22.30 -21.70 5.78
CA LEU D 263 22.61 -21.82 4.36
C LEU D 263 21.88 -22.99 3.73
N CYS D 264 21.65 -24.06 4.51
CA CYS D 264 20.83 -25.17 4.04
C CYS D 264 19.40 -24.73 3.72
N CYS D 265 18.80 -23.94 4.60
CA CYS D 265 17.41 -23.56 4.36
C CYS D 265 17.28 -22.43 3.34
N ILE D 266 18.29 -21.55 3.18
CA ILE D 266 18.20 -20.60 2.08
C ILE D 266 18.32 -21.32 0.74
N SER D 267 19.16 -22.37 0.67
CA SER D 267 19.24 -23.15 -0.56
C SER D 267 17.98 -23.97 -0.80
N CYS D 268 17.32 -24.42 0.28
CA CYS D 268 16.02 -25.07 0.13
C CYS D 268 14.97 -24.11 -0.42
N ASP D 269 14.99 -22.86 0.04
CA ASP D 269 14.09 -21.85 -0.53
C ASP D 269 14.42 -21.58 -1.99
N ARG D 270 15.71 -21.55 -2.35
CA ARG D 270 16.09 -21.37 -3.77
C ARG D 270 15.58 -22.51 -4.63
N PHE D 271 15.69 -23.75 -4.13
CA PHE D 271 15.23 -24.93 -4.90
C PHE D 271 13.70 -24.88 -5.04
N VAL D 272 12.98 -24.64 -3.94
CA VAL D 272 11.53 -24.62 -3.98
C VAL D 272 11.02 -23.43 -4.80
N ALA D 273 11.85 -22.40 -4.99
CA ALA D 273 11.44 -21.29 -5.84
C ALA D 273 11.84 -21.47 -7.30
N VAL D 274 12.87 -22.25 -7.59
CA VAL D 274 13.23 -22.45 -9.00
C VAL D 274 12.41 -23.57 -9.65
N VAL D 275 11.93 -24.56 -8.89
CA VAL D 275 11.11 -25.60 -9.51
C VAL D 275 9.63 -25.45 -9.15
N TYR D 276 9.31 -25.18 -7.88
CA TYR D 276 7.91 -25.01 -7.46
C TYR D 276 7.57 -23.53 -7.35
N ALA D 277 7.64 -22.85 -8.50
CA ALA D 277 7.52 -21.40 -8.52
C ALA D 277 6.11 -20.93 -8.19
N LEU D 278 5.10 -21.74 -8.47
CA LEU D 278 3.73 -21.38 -8.09
C LEU D 278 3.54 -21.43 -6.58
N GLU D 279 4.11 -22.46 -5.94
CA GLU D 279 3.92 -22.64 -4.49
C GLU D 279 4.70 -21.62 -3.70
N SER D 280 5.88 -21.25 -4.18
CA SER D 280 6.86 -20.55 -3.35
C SER D 280 6.46 -19.12 -3.04
N ARG D 281 5.90 -18.40 -4.03
CA ARG D 281 5.59 -16.99 -3.83
C ARG D 281 4.47 -16.79 -2.82
N GLY D 282 3.60 -17.79 -2.64
CA GLY D 282 2.71 -17.79 -1.50
C GLY D 282 3.45 -17.99 -0.19
N ARG D 283 4.43 -18.89 -0.18
CA ARG D 283 5.18 -19.19 1.04
C ARG D 283 6.37 -18.27 1.24
N ARG D 284 6.67 -17.39 0.29
CA ARG D 284 7.77 -16.44 0.39
C ARG D 284 7.36 -15.16 1.09
N ARG D 285 6.27 -15.18 1.86
CA ARG D 285 5.95 -14.08 2.75
C ARG D 285 7.01 -13.97 3.83
N ARG D 286 7.39 -12.74 4.15
CA ARG D 286 8.46 -12.52 5.13
C ARG D 286 8.04 -12.90 6.55
N ARG D 287 6.74 -13.02 6.81
CA ARG D 287 6.27 -13.57 8.08
C ARG D 287 6.67 -15.03 8.21
N THR D 288 6.53 -15.81 7.14
CA THR D 288 6.99 -17.20 7.14
C THR D 288 8.48 -17.27 7.36
N ALA D 289 9.22 -16.30 6.80
CA ALA D 289 10.66 -16.23 6.98
C ALA D 289 11.05 -16.03 8.45
N ILE D 290 10.37 -15.12 9.14
CA ILE D 290 10.72 -14.87 10.54
C ILE D 290 10.27 -16.03 11.43
N LEU D 291 9.16 -16.69 11.08
CA LEU D 291 8.72 -17.85 11.84
C LEU D 291 9.70 -19.01 11.71
N ILE D 292 10.22 -19.23 10.50
CA ILE D 292 11.22 -20.30 10.30
C ILE D 292 12.53 -19.93 10.98
N SER D 293 12.93 -18.65 10.94
CA SER D 293 14.17 -18.24 11.61
C SER D 293 14.06 -18.42 13.12
N ALA D 294 12.91 -18.09 13.70
CA ALA D 294 12.69 -18.30 15.13
C ALA D 294 12.66 -19.78 15.47
N CYS D 295 12.05 -20.61 14.61
CA CYS D 295 11.98 -22.04 14.93
C CYS D 295 13.34 -22.70 14.82
N ILE D 296 14.16 -22.28 13.86
CA ILE D 296 15.52 -22.80 13.76
C ILE D 296 16.36 -22.34 14.95
N PHE D 297 16.16 -21.09 15.39
CA PHE D 297 16.88 -20.59 16.57
C PHE D 297 16.51 -21.35 17.84
N ILE D 298 15.22 -21.62 18.04
CA ILE D 298 14.84 -22.37 19.25
C ILE D 298 15.26 -23.84 19.14
N LEU D 299 15.28 -24.40 17.93
CA LEU D 299 15.77 -25.76 17.74
C LEU D 299 17.26 -25.86 18.06
N VAL D 300 18.04 -24.86 17.63
CA VAL D 300 19.46 -24.80 17.95
C VAL D 300 19.66 -24.61 19.44
N GLY D 301 18.77 -23.84 20.10
CA GLY D 301 18.85 -23.71 21.55
C GLY D 301 18.61 -25.01 22.28
N ILE D 302 17.64 -25.81 21.81
CA ILE D 302 17.38 -27.12 22.40
C ILE D 302 18.56 -28.06 22.15
N VAL D 303 19.16 -27.99 20.96
CA VAL D 303 20.33 -28.82 20.65
C VAL D 303 21.52 -28.41 21.50
N HIS D 304 21.66 -27.12 21.78
CA HIS D 304 22.78 -26.59 22.55
C HIS D 304 22.59 -26.67 24.06
N TYR D 305 21.37 -26.96 24.53
CA TYR D 305 21.11 -27.15 25.95
C TYR D 305 21.99 -28.21 26.65
N PRO D 306 22.22 -29.43 26.09
CA PRO D 306 23.14 -30.36 26.78
C PRO D 306 24.58 -29.90 26.86
N VAL D 307 25.03 -28.98 25.99
CA VAL D 307 26.37 -28.43 26.12
C VAL D 307 26.52 -27.64 27.41
N PHE D 308 25.49 -26.86 27.75
CA PHE D 308 25.46 -26.20 29.05
C PHE D 308 25.32 -27.22 30.17
N GLN D 309 24.54 -28.28 29.96
CA GLN D 309 24.36 -29.24 31.04
C GLN D 309 25.57 -30.14 31.26
N THR D 310 26.54 -30.16 30.36
CA THR D 310 27.76 -30.93 30.58
C THR D 310 28.55 -30.37 31.76
N GLU D 311 29.00 -31.26 32.64
CA GLU D 311 29.97 -30.90 33.67
C GLU D 311 31.37 -31.09 33.08
N ASP D 312 32.39 -31.07 33.95
CA ASP D 312 33.79 -30.92 33.58
C ASP D 312 33.96 -29.69 32.69
N LYS D 313 33.65 -28.52 33.25
CA LYS D 313 33.64 -27.28 32.50
C LYS D 313 34.92 -26.49 32.68
N GLU D 314 36.06 -27.18 32.80
CA GLU D 314 37.35 -26.51 32.90
C GLU D 314 37.69 -25.78 31.61
N THR D 315 37.42 -26.39 30.47
CA THR D 315 37.72 -25.80 29.18
C THR D 315 36.45 -25.63 28.35
N CYS D 316 36.42 -24.56 27.56
CA CYS D 316 35.25 -24.24 26.76
C CYS D 316 35.34 -24.77 25.33
N PHE D 317 36.55 -25.07 24.85
CA PHE D 317 36.72 -25.43 23.44
C PHE D 317 36.16 -26.81 23.14
N ASP D 318 36.64 -27.83 23.87
CA ASP D 318 36.16 -29.19 23.64
C ASP D 318 36.39 -30.00 24.91
N MET D 319 35.50 -30.99 25.14
CA MET D 319 35.59 -31.83 26.35
C MET D 319 35.60 -33.32 25.97
N LEU D 320 36.52 -33.73 25.10
CA LEU D 320 36.66 -35.11 24.71
C LEU D 320 37.84 -35.79 25.40
N GLN D 321 38.67 -35.03 26.12
CA GLN D 321 39.93 -35.53 26.66
C GLN D 321 39.73 -36.45 27.85
N MET D 322 38.85 -36.08 28.78
CA MET D 322 38.73 -36.80 30.04
C MET D 322 37.66 -37.89 30.00
N ASP D 323 36.44 -37.52 29.61
CA ASP D 323 35.30 -38.43 29.67
C ASP D 323 34.84 -38.79 28.26
N SER D 324 34.40 -40.04 28.09
CA SER D 324 33.89 -40.50 26.81
C SER D 324 32.37 -40.41 26.70
N ARG D 325 31.65 -40.24 27.81
CA ARG D 325 30.20 -40.06 27.72
C ARG D 325 29.86 -38.71 27.11
N ILE D 326 30.54 -37.65 27.51
CA ILE D 326 30.35 -36.36 26.86
C ILE D 326 30.92 -36.37 25.45
N ALA D 327 31.87 -37.27 25.16
CA ALA D 327 32.27 -37.49 23.77
C ALA D 327 31.14 -38.10 22.96
N GLY D 328 30.37 -39.00 23.57
CA GLY D 328 29.18 -39.52 22.91
C GLY D 328 28.11 -38.46 22.71
N TYR D 329 27.99 -37.54 23.69
CA TYR D 329 27.10 -36.38 23.53
C TYR D 329 27.56 -35.51 22.36
N TYR D 330 28.87 -35.32 22.23
CA TYR D 330 29.43 -34.55 21.11
C TYR D 330 29.19 -35.25 19.78
N TYR D 331 29.28 -36.59 19.78
CA TYR D 331 28.97 -37.35 18.57
C TYR D 331 27.49 -37.25 18.21
N ALA D 332 26.61 -37.21 19.22
CA ALA D 332 25.19 -37.02 18.97
C ALA D 332 24.92 -35.64 18.37
N ARG D 333 25.57 -34.60 18.89
CA ARG D 333 25.43 -33.27 18.33
C ARG D 333 26.02 -33.19 16.93
N PHE D 334 27.13 -33.90 16.70
CA PHE D 334 27.74 -34.01 15.38
C PHE D 334 26.75 -34.62 14.38
N THR D 335 26.13 -35.75 14.74
CA THR D 335 25.17 -36.40 13.86
C THR D 335 23.93 -35.55 13.61
N VAL D 336 23.43 -34.88 14.66
CA VAL D 336 22.20 -34.11 14.49
C VAL D 336 22.42 -32.75 13.81
N GLY D 337 23.65 -32.22 13.84
CA GLY D 337 23.83 -30.87 13.34
C GLY D 337 24.82 -30.69 12.22
N PHE D 338 25.58 -31.72 11.86
CA PHE D 338 26.58 -31.61 10.80
C PHE D 338 26.29 -32.54 9.64
N ALA D 339 26.08 -33.84 9.92
CA ALA D 339 25.91 -34.82 8.85
C ALA D 339 24.58 -34.65 8.13
N ILE D 340 23.50 -34.47 8.90
CA ILE D 340 22.18 -34.26 8.29
C ILE D 340 22.10 -32.97 7.46
N PRO D 341 22.55 -31.79 7.94
CA PRO D 341 22.56 -30.63 7.03
C PRO D 341 23.50 -30.76 5.86
N LEU D 342 24.55 -31.58 5.94
CA LEU D 342 25.38 -31.85 4.77
C LEU D 342 24.59 -32.56 3.68
N SER D 343 23.80 -33.57 4.06
CA SER D 343 22.91 -34.22 3.12
C SER D 343 21.86 -33.26 2.58
N ILE D 344 21.37 -32.36 3.45
CA ILE D 344 20.37 -31.38 3.04
C ILE D 344 20.92 -30.43 1.99
N ILE D 345 22.11 -29.86 2.24
CA ILE D 345 22.67 -28.87 1.33
C ILE D 345 23.07 -29.52 0.00
N ALA D 346 23.60 -30.74 0.05
CA ALA D 346 23.94 -31.45 -1.18
C ALA D 346 22.69 -31.75 -2.01
N PHE D 347 21.64 -32.23 -1.34
CA PHE D 347 20.37 -32.56 -2.00
C PHE D 347 19.77 -31.33 -2.66
N THR D 348 19.61 -30.24 -1.91
CA THR D 348 18.89 -29.10 -2.44
C THR D 348 19.72 -28.32 -3.46
N ASN D 349 21.05 -28.33 -3.30
CA ASN D 349 21.92 -27.60 -4.28
C ASN D 349 21.96 -28.38 -5.61
N HIS D 350 22.01 -29.71 -5.56
CA HIS D 350 21.97 -30.47 -6.80
C HIS D 350 20.58 -30.42 -7.44
N ARG D 351 19.53 -30.24 -6.63
CA ARG D 351 18.21 -30.03 -7.22
C ARG D 351 18.12 -28.66 -7.89
N ILE D 352 18.78 -27.64 -7.33
CA ILE D 352 18.91 -26.34 -7.99
C ILE D 352 19.63 -26.50 -9.33
N PHE D 353 20.68 -27.33 -9.33
CA PHE D 353 21.44 -27.63 -10.54
C PHE D 353 20.56 -28.20 -11.64
N ARG D 354 19.80 -29.25 -11.32
CA ARG D 354 19.01 -29.90 -12.38
C ARG D 354 17.82 -29.05 -12.80
N SER D 355 17.19 -28.34 -11.85
CA SER D 355 16.07 -27.48 -12.20
C SER D 355 16.50 -26.27 -13.02
N ILE D 356 17.77 -25.90 -12.95
CA ILE D 356 18.25 -24.83 -13.82
C ILE D 356 18.74 -25.36 -15.16
N LYS D 357 19.41 -26.51 -15.19
CA LYS D 357 19.84 -27.08 -16.46
C LYS D 357 18.69 -27.68 -17.25
N GLN D 358 17.50 -27.79 -16.67
CA GLN D 358 16.29 -28.15 -17.42
C GLN D 358 15.48 -26.93 -17.83
N SER D 359 16.07 -25.73 -17.79
CA SER D 359 15.37 -24.51 -18.15
C SER D 359 16.07 -23.84 -19.33
N MET D 360 15.27 -23.22 -20.20
CA MET D 360 15.77 -22.62 -21.43
C MET D 360 15.74 -21.10 -21.42
N GLY D 361 14.93 -20.49 -20.54
CA GLY D 361 14.86 -19.05 -20.48
C GLY D 361 16.15 -18.41 -19.98
N LEU D 362 16.94 -19.16 -19.23
CA LEU D 362 18.30 -18.77 -18.92
C LEU D 362 19.22 -19.12 -20.09
N SER D 363 20.29 -18.34 -20.23
CA SER D 363 21.33 -18.62 -21.20
C SER D 363 22.51 -19.29 -20.52
N ALA D 364 23.62 -19.43 -21.25
CA ALA D 364 24.79 -20.11 -20.71
C ALA D 364 25.43 -19.33 -19.57
N ALA D 365 25.43 -17.99 -19.67
CA ALA D 365 26.03 -17.15 -18.65
C ALA D 365 25.30 -17.26 -17.31
N GLN D 366 23.96 -17.32 -17.37
CA GLN D 366 23.16 -17.57 -16.17
C GLN D 366 23.50 -18.92 -15.56
N LYS D 367 23.52 -19.97 -16.40
CA LYS D 367 23.82 -21.31 -15.93
C LYS D 367 25.22 -21.39 -15.37
N ALA D 368 26.20 -20.82 -16.08
CA ALA D 368 27.58 -20.84 -15.60
C ALA D 368 27.74 -20.07 -14.30
N LYS D 369 27.12 -18.89 -14.21
CA LYS D 369 27.25 -18.08 -13.00
C LYS D 369 26.63 -18.77 -11.78
N VAL D 370 25.43 -19.36 -11.96
CA VAL D 370 24.78 -20.03 -10.85
C VAL D 370 25.52 -21.31 -10.46
N LYS D 371 25.96 -22.09 -11.47
CA LYS D 371 26.71 -23.31 -11.19
C LYS D 371 28.00 -23.00 -10.44
N HIS D 372 28.73 -21.95 -10.86
CA HIS D 372 29.99 -21.62 -10.22
C HIS D 372 29.77 -21.08 -8.81
N SER D 373 28.78 -20.22 -8.61
CA SER D 373 28.49 -19.71 -7.27
C SER D 373 28.04 -20.82 -6.33
N ALA D 374 27.24 -21.76 -6.85
CA ALA D 374 26.71 -22.82 -6.00
C ALA D 374 27.78 -23.87 -5.68
N ILE D 375 28.61 -24.25 -6.66
CA ILE D 375 29.73 -25.13 -6.35
C ILE D 375 30.70 -24.42 -5.44
N ALA D 376 30.82 -23.10 -5.54
CA ALA D 376 31.72 -22.34 -4.68
C ALA D 376 31.25 -22.39 -3.24
N VAL D 377 29.97 -22.11 -2.98
CA VAL D 377 29.47 -22.11 -1.60
C VAL D 377 29.48 -23.52 -1.04
N VAL D 378 29.15 -24.52 -1.87
CA VAL D 378 29.17 -25.91 -1.41
C VAL D 378 30.59 -26.35 -1.07
N VAL D 379 31.57 -26.01 -1.92
CA VAL D 379 32.91 -26.52 -1.70
C VAL D 379 33.61 -25.77 -0.58
N ILE D 380 33.30 -24.48 -0.35
CA ILE D 380 33.91 -23.80 0.79
C ILE D 380 33.32 -24.31 2.09
N PHE D 381 32.00 -24.58 2.11
CA PHE D 381 31.37 -25.19 3.26
C PHE D 381 31.96 -26.56 3.54
N LEU D 382 32.16 -27.36 2.49
CA LEU D 382 32.78 -28.68 2.61
C LEU D 382 34.20 -28.57 3.14
N VAL D 383 35.13 -28.00 2.36
CA VAL D 383 36.54 -28.04 2.72
C VAL D 383 36.89 -27.22 3.96
N CYS D 384 35.97 -26.41 4.48
CA CYS D 384 36.25 -25.77 5.76
C CYS D 384 35.56 -26.45 6.94
N PHE D 385 34.24 -26.65 6.88
CA PHE D 385 33.57 -27.16 8.07
C PHE D 385 33.64 -28.69 8.14
N ALA D 386 33.57 -29.39 7.01
CA ALA D 386 33.65 -30.84 7.00
C ALA D 386 34.96 -31.44 7.54
N PRO D 387 36.17 -30.93 7.24
CA PRO D 387 37.34 -31.49 7.92
C PRO D 387 37.41 -31.14 9.39
N TYR D 388 36.74 -30.07 9.82
CA TYR D 388 36.53 -29.85 11.25
C TYR D 388 35.68 -30.96 11.85
N HIS D 389 34.66 -31.41 11.11
CA HIS D 389 33.87 -32.57 11.54
C HIS D 389 34.75 -33.83 11.58
N LEU D 390 35.66 -33.95 10.62
CA LEU D 390 36.59 -35.07 10.59
C LEU D 390 37.53 -35.07 11.81
N VAL D 391 38.03 -33.89 12.17
CA VAL D 391 38.94 -33.85 13.32
C VAL D 391 38.18 -34.09 14.62
N LEU D 392 36.90 -33.67 14.68
CA LEU D 392 36.07 -33.97 15.85
C LEU D 392 35.86 -35.48 16.00
N LEU D 393 35.50 -36.15 14.90
CA LEU D 393 35.24 -37.59 15.00
C LEU D 393 36.52 -38.38 15.25
N VAL D 394 37.65 -37.95 14.68
CA VAL D 394 38.88 -38.71 14.89
C VAL D 394 39.39 -38.53 16.31
N LYS D 395 39.22 -37.33 16.92
CA LYS D 395 39.65 -37.23 18.31
C LYS D 395 38.65 -37.88 19.26
N ALA D 396 37.37 -37.95 18.89
CA ALA D 396 36.42 -38.74 19.66
C ALA D 396 36.79 -40.22 19.67
N ALA D 397 37.13 -40.76 18.49
CA ALA D 397 37.52 -42.17 18.38
C ALA D 397 38.82 -42.44 19.15
N ALA D 398 39.84 -41.59 18.94
CA ALA D 398 41.13 -41.79 19.58
C ALA D 398 41.04 -41.64 21.09
N PHE D 399 40.23 -40.69 21.58
CA PHE D 399 40.09 -40.52 23.02
C PHE D 399 39.30 -41.65 23.64
N SER D 400 38.30 -42.19 22.92
CA SER D 400 37.59 -43.38 23.41
C SER D 400 38.52 -44.58 23.48
N TYR D 401 39.46 -44.69 22.54
CA TYR D 401 40.40 -45.81 22.56
C TYR D 401 41.42 -45.65 23.71
N TYR D 402 42.00 -44.47 23.84
CA TYR D 402 43.11 -44.23 24.76
C TYR D 402 42.71 -43.28 25.90
N ARG D 403 41.52 -43.48 26.45
CA ARG D 403 41.15 -42.93 27.77
C ARG D 403 42.25 -43.11 28.81
N GLY D 404 42.78 -44.32 28.94
CA GLY D 404 43.87 -44.60 29.85
C GLY D 404 45.19 -43.98 29.44
N ALA D 408 52.28 -41.84 24.62
CA ALA D 408 52.29 -40.69 23.72
C ALA D 408 50.91 -40.05 23.66
N MET D 409 50.15 -40.20 24.75
CA MET D 409 48.81 -39.63 24.81
C MET D 409 48.85 -38.10 24.84
N CYS D 410 49.78 -37.54 25.62
CA CYS D 410 49.93 -36.09 25.67
C CYS D 410 50.39 -35.52 24.34
N GLY D 411 51.30 -36.20 23.65
CA GLY D 411 51.73 -35.75 22.34
C GLY D 411 50.65 -35.85 21.28
N LEU D 412 49.86 -36.94 21.34
CA LEU D 412 48.79 -37.13 20.33
C LEU D 412 47.68 -36.10 20.57
N GLU D 413 47.34 -35.80 21.84
CA GLU D 413 46.33 -34.78 22.09
C GLU D 413 46.89 -33.38 21.83
N GLU D 414 48.20 -33.19 21.93
CA GLU D 414 48.81 -31.92 21.52
C GLU D 414 48.66 -31.70 20.02
N ARG D 415 48.99 -32.73 19.22
CA ARG D 415 48.85 -32.60 17.77
C ARG D 415 47.39 -32.47 17.34
N LEU D 416 46.48 -33.12 18.07
CA LEU D 416 45.06 -32.94 17.80
C LEU D 416 44.59 -31.55 18.18
N TYR D 417 45.18 -30.96 19.22
CA TYR D 417 44.86 -29.59 19.59
C TYR D 417 45.33 -28.61 18.52
N THR D 418 46.53 -28.84 17.98
CA THR D 418 47.04 -27.97 16.90
C THR D 418 46.19 -28.09 15.66
N ALA D 419 45.78 -29.32 15.31
CA ALA D 419 44.89 -29.53 14.18
C ALA D 419 43.53 -28.86 14.41
N SER D 420 43.03 -28.94 15.64
CA SER D 420 41.73 -28.34 15.96
C SER D 420 41.78 -26.82 15.87
N VAL D 421 42.86 -26.20 16.35
CA VAL D 421 42.91 -24.73 16.32
C VAL D 421 43.16 -24.22 14.90
N VAL D 422 43.97 -24.93 14.09
CA VAL D 422 44.13 -24.48 12.71
C VAL D 422 42.87 -24.74 11.88
N PHE D 423 42.12 -25.80 12.22
CA PHE D 423 40.86 -26.05 11.52
C PHE D 423 39.80 -25.05 11.95
N LEU D 424 39.87 -24.59 13.21
CA LEU D 424 39.04 -23.49 13.65
C LEU D 424 39.40 -22.20 12.92
N CYS D 425 40.69 -21.99 12.62
CA CYS D 425 41.10 -20.81 11.87
C CYS D 425 40.49 -20.81 10.47
N LEU D 426 40.58 -21.94 9.76
CA LEU D 426 40.00 -21.97 8.41
C LEU D 426 38.48 -21.94 8.44
N SER D 427 37.86 -22.51 9.49
CA SER D 427 36.41 -22.43 9.61
C SER D 427 35.94 -21.01 9.88
N THR D 428 36.70 -20.26 10.69
CA THR D 428 36.38 -18.85 10.89
C THR D 428 36.62 -18.03 9.62
N VAL D 429 37.61 -18.41 8.82
CA VAL D 429 37.83 -17.76 7.53
C VAL D 429 36.62 -17.98 6.62
N ASN D 430 36.08 -19.21 6.60
CA ASN D 430 34.87 -19.48 5.83
C ASN D 430 33.66 -18.74 6.39
N GLY D 431 33.54 -18.67 7.71
CA GLY D 431 32.42 -17.98 8.31
C GLY D 431 32.42 -16.49 8.01
N VAL D 432 33.60 -15.86 8.08
CA VAL D 432 33.71 -14.46 7.70
C VAL D 432 33.65 -14.28 6.19
N ALA D 433 33.86 -15.36 5.42
CA ALA D 433 33.81 -15.29 3.97
C ALA D 433 32.43 -15.60 3.39
N ASP D 434 31.50 -16.12 4.19
CA ASP D 434 30.14 -16.36 3.70
C ASP D 434 29.46 -15.09 3.16
N PRO D 435 29.48 -13.92 3.83
CA PRO D 435 29.00 -12.72 3.13
C PRO D 435 29.93 -12.27 2.02
N ILE D 436 31.23 -12.55 2.12
CA ILE D 436 32.17 -12.19 1.06
C ILE D 436 31.90 -13.00 -0.20
N ILE D 437 31.67 -14.31 -0.05
CA ILE D 437 31.34 -15.14 -1.20
C ILE D 437 29.95 -14.79 -1.74
N TYR D 438 29.02 -14.42 -0.84
CA TYR D 438 27.71 -13.95 -1.29
C TYR D 438 27.81 -12.68 -2.13
N VAL D 439 28.63 -11.72 -1.71
CA VAL D 439 28.71 -10.48 -2.49
C VAL D 439 29.57 -10.66 -3.74
N LEU D 440 30.54 -11.58 -3.73
CA LEU D 440 31.31 -11.82 -4.95
C LEU D 440 30.62 -12.80 -5.89
N ALA D 441 29.49 -13.38 -5.49
CA ALA D 441 28.74 -14.26 -6.38
C ALA D 441 27.62 -13.53 -7.13
N THR D 442 26.90 -12.62 -6.48
CA THR D 442 25.70 -12.02 -7.02
C THR D 442 26.01 -10.66 -7.64
N ASP D 443 25.41 -10.37 -8.79
CA ASP D 443 25.68 -9.12 -9.50
C ASP D 443 24.91 -7.93 -8.93
N HIS D 444 23.76 -8.19 -8.29
CA HIS D 444 23.06 -7.16 -7.54
C HIS D 444 23.93 -6.61 -6.42
N SER D 445 24.81 -7.44 -5.87
CA SER D 445 25.82 -6.96 -4.94
C SER D 445 26.78 -5.98 -5.59
N ARG D 446 27.18 -6.23 -6.84
CA ARG D 446 28.04 -5.26 -7.53
C ARG D 446 27.34 -3.91 -7.69
N GLN D 447 26.06 -3.94 -8.07
CA GLN D 447 25.31 -2.70 -8.25
C GLN D 447 25.14 -1.95 -6.92
N GLU D 448 24.77 -2.68 -5.85
CA GLU D 448 24.52 -2.00 -4.59
C GLU D 448 25.83 -1.56 -3.91
N VAL D 449 26.90 -2.33 -4.05
CA VAL D 449 28.19 -1.92 -3.49
C VAL D 449 28.76 -0.73 -4.26
N SER D 450 28.53 -0.66 -5.58
CA SER D 450 28.96 0.50 -6.35
C SER D 450 28.21 1.77 -5.92
N ARG D 451 26.89 1.68 -5.72
CA ARG D 451 26.20 2.88 -5.26
C ARG D 451 26.50 3.20 -3.80
N ILE D 452 26.84 2.18 -2.99
CA ILE D 452 27.28 2.43 -1.62
C ILE D 452 28.61 3.17 -1.59
N HIS D 453 29.53 2.79 -2.48
CA HIS D 453 30.79 3.51 -2.64
C HIS D 453 30.55 4.94 -3.07
N LYS D 454 29.63 5.15 -4.02
CA LYS D 454 29.30 6.50 -4.49
C LYS D 454 28.72 7.35 -3.37
N GLY D 455 27.79 6.79 -2.59
CA GLY D 455 27.22 7.50 -1.46
C GLY D 455 28.23 7.79 -0.36
N TRP D 456 29.18 6.87 -0.15
CA TRP D 456 30.23 7.10 0.83
C TRP D 456 31.12 8.26 0.42
N LYS D 457 31.52 8.32 -0.86
CA LYS D 457 32.32 9.47 -1.31
C LYS D 457 31.52 10.77 -1.26
N GLU D 458 30.23 10.71 -1.65
CA GLU D 458 29.39 11.90 -1.68
C GLU D 458 29.15 12.47 -0.30
N TRP D 459 28.94 11.62 0.71
CA TRP D 459 28.74 12.09 2.08
C TRP D 459 30.03 12.10 2.90
N SER D 460 31.17 11.78 2.30
CA SER D 460 32.44 11.97 2.97
C SER D 460 33.23 13.18 2.48
N MET D 461 32.91 13.69 1.29
CA MET D 461 33.52 14.89 0.70
C MET D 461 35.03 14.74 0.56
N LYS D 462 35.41 13.79 -0.30
CA LYS D 462 36.80 13.65 -0.71
C LYS D 462 37.04 14.12 -2.13
N THR D 463 35.98 14.32 -2.93
CA THR D 463 36.13 14.89 -4.25
C THR D 463 36.53 16.37 -4.15
N ASP D 464 35.68 17.17 -3.50
CA ASP D 464 35.91 18.59 -3.19
C ASP D 464 36.10 19.44 -4.44
N VAL D 465 35.50 19.03 -5.56
CA VAL D 465 35.74 19.69 -6.84
C VAL D 465 35.14 21.11 -6.84
N THR D 466 34.00 21.30 -6.19
CA THR D 466 33.37 22.62 -6.15
C THR D 466 34.18 23.58 -5.29
N ARG D 467 34.72 23.10 -4.17
CA ARG D 467 35.58 23.94 -3.35
C ARG D 467 36.93 24.19 -4.04
N LEU D 468 37.36 23.29 -4.92
CA LEU D 468 38.54 23.56 -5.74
C LEU D 468 38.25 24.67 -6.76
N THR D 469 37.06 24.67 -7.36
CA THR D 469 36.66 25.76 -8.25
C THR D 469 36.65 27.09 -7.50
N HIS D 470 36.08 27.09 -6.29
CA HIS D 470 36.06 28.30 -5.47
C HIS D 470 37.46 28.76 -5.11
N SER D 471 38.37 27.80 -4.83
CA SER D 471 39.73 28.13 -4.46
C SER D 471 40.48 28.79 -5.62
N ARG D 472 40.33 28.27 -6.83
CA ARG D 472 40.98 28.95 -7.95
C ARG D 472 40.25 30.23 -8.35
N ASP D 473 38.99 30.40 -7.94
CA ASP D 473 38.37 31.72 -8.07
C ASP D 473 38.97 32.72 -7.07
N THR D 474 39.36 32.27 -5.88
CA THR D 474 39.74 33.21 -4.82
C THR D 474 41.11 33.84 -5.07
N GLU D 475 42.13 33.03 -5.39
CA GLU D 475 43.51 33.51 -5.41
C GLU D 475 43.73 34.55 -6.50
N GLU D 476 43.16 34.31 -7.68
CA GLU D 476 43.24 35.26 -8.79
C GLU D 476 42.51 36.56 -8.46
N LEU E 5 -10.57 8.96 24.19
CA LEU E 5 -10.09 7.68 24.68
C LEU E 5 -11.18 6.95 25.43
N SER E 6 -12.10 6.35 24.67
CA SER E 6 -13.24 5.66 25.25
C SER E 6 -13.69 4.56 24.29
N ALA E 7 -14.94 4.12 24.47
CA ALA E 7 -15.59 3.12 23.62
C ALA E 7 -15.50 3.49 22.15
N GLU E 8 -15.67 4.78 21.83
CA GLU E 8 -15.59 5.23 20.46
C GLU E 8 -14.21 5.01 19.87
N ASP E 9 -13.17 5.36 20.62
CA ASP E 9 -11.80 5.19 20.13
C ASP E 9 -11.42 3.72 20.00
N LYS E 10 -11.79 2.90 20.99
CA LYS E 10 -11.49 1.46 20.95
C LYS E 10 -12.19 0.77 19.79
N ALA E 11 -13.48 1.12 19.58
CA ALA E 11 -14.24 0.55 18.47
C ALA E 11 -13.70 0.98 17.12
N ALA E 12 -13.27 2.25 17.02
CA ALA E 12 -12.66 2.74 15.80
C ALA E 12 -11.37 2.00 15.49
N VAL E 13 -10.60 1.68 16.54
CA VAL E 13 -9.38 0.88 16.35
C VAL E 13 -9.73 -0.50 15.82
N GLU E 14 -10.76 -1.16 16.37
CA GLU E 14 -11.14 -2.48 15.88
C GLU E 14 -11.61 -2.46 14.43
N ARG E 15 -12.37 -1.44 14.04
CA ARG E 15 -12.80 -1.38 12.65
C ARG E 15 -11.63 -1.06 11.71
N SER E 16 -10.73 -0.17 12.14
CA SER E 16 -9.57 0.17 11.33
C SER E 16 -8.57 -0.97 11.23
N LYS E 17 -8.62 -1.94 12.15
CA LYS E 17 -7.80 -3.14 12.03
C LYS E 17 -8.49 -4.23 11.22
N MET E 18 -9.82 -4.36 11.36
CA MET E 18 -10.56 -5.35 10.59
C MET E 18 -10.51 -5.03 9.09
N ILE E 19 -10.59 -3.74 8.76
CA ILE E 19 -10.46 -3.30 7.37
C ILE E 19 -9.10 -3.69 6.81
N ASP E 20 -8.04 -3.51 7.60
CA ASP E 20 -6.70 -3.86 7.14
C ASP E 20 -6.52 -5.36 6.99
N ARG E 21 -7.16 -6.15 7.86
CA ARG E 21 -7.12 -7.61 7.71
C ARG E 21 -7.78 -8.05 6.40
N ASN E 22 -8.98 -7.51 6.13
CA ASN E 22 -9.68 -7.85 4.88
C ASN E 22 -8.90 -7.34 3.66
N LEU E 23 -8.25 -6.18 3.80
CA LEU E 23 -7.42 -5.62 2.74
C LEU E 23 -6.23 -6.52 2.43
N ARG E 24 -5.55 -7.01 3.48
CA ARG E 24 -4.39 -7.88 3.30
C ARG E 24 -4.79 -9.20 2.66
N GLU E 25 -5.93 -9.77 3.10
CA GLU E 25 -6.42 -11.01 2.49
C GLU E 25 -6.75 -10.82 1.01
N ASP E 26 -7.40 -9.70 0.68
CA ASP E 26 -7.76 -9.44 -0.72
C ASP E 26 -6.52 -9.21 -1.57
N GLY E 27 -5.51 -8.52 -1.03
CA GLY E 27 -4.27 -8.33 -1.77
C GLY E 27 -3.53 -9.64 -2.04
N GLU E 28 -3.45 -10.51 -1.04
CA GLU E 28 -2.83 -11.82 -1.25
C GLU E 28 -3.63 -12.69 -2.22
N LYS E 29 -4.96 -12.56 -2.21
CA LYS E 29 -5.78 -13.25 -3.20
C LYS E 29 -5.50 -12.72 -4.61
N ALA E 30 -5.37 -11.41 -4.75
CA ALA E 30 -5.20 -10.81 -6.06
C ALA E 30 -3.81 -11.00 -6.64
N ALA E 31 -2.78 -11.17 -5.79
CA ALA E 31 -1.40 -11.22 -6.27
C ALA E 31 -1.09 -12.44 -7.12
N ARG E 32 -1.88 -13.52 -7.01
CA ARG E 32 -1.58 -14.74 -7.75
C ARG E 32 -1.91 -14.61 -9.23
N GLU E 33 -2.86 -13.75 -9.58
CA GLU E 33 -3.32 -13.63 -10.95
C GLU E 33 -2.23 -13.04 -11.84
N VAL E 34 -2.09 -13.62 -13.02
CA VAL E 34 -1.08 -13.18 -13.98
C VAL E 34 -1.69 -12.09 -14.85
N LYS E 35 -0.99 -10.98 -14.98
CA LYS E 35 -1.44 -9.85 -15.77
C LYS E 35 -0.80 -9.92 -17.16
N LEU E 36 -1.64 -9.86 -18.19
CA LEU E 36 -1.21 -9.90 -19.57
C LEU E 36 -1.76 -8.69 -20.31
N LEU E 37 -0.93 -8.10 -21.17
CA LEU E 37 -1.30 -6.95 -21.97
C LEU E 37 -1.43 -7.39 -23.42
N LEU E 38 -2.61 -7.18 -24.01
CA LEU E 38 -2.83 -7.41 -25.42
C LEU E 38 -2.87 -6.07 -26.14
N LEU E 39 -2.11 -5.98 -27.23
CA LEU E 39 -2.05 -4.78 -28.07
C LEU E 39 -2.51 -5.09 -29.48
N GLY E 40 -3.62 -5.82 -29.59
CA GLY E 40 -4.13 -6.23 -30.88
C GLY E 40 -4.62 -5.06 -31.69
N ALA E 41 -4.12 -4.91 -32.92
CA ALA E 41 -4.55 -3.86 -33.82
C ALA E 41 -5.82 -4.29 -34.55
N GLY E 42 -6.20 -3.54 -35.58
CA GLY E 42 -7.32 -3.96 -36.41
C GLY E 42 -6.94 -5.20 -37.22
N GLU E 43 -7.86 -6.17 -37.23
CA GLU E 43 -7.71 -7.48 -37.89
C GLU E 43 -6.50 -8.24 -37.35
N SER E 44 -6.13 -7.97 -36.10
CA SER E 44 -5.06 -8.71 -35.45
C SER E 44 -5.50 -10.11 -35.04
N GLY E 45 -6.79 -10.37 -35.05
CA GLY E 45 -7.32 -11.65 -34.62
C GLY E 45 -7.64 -11.64 -33.14
N LYS E 46 -8.26 -10.56 -32.66
CA LYS E 46 -8.73 -10.52 -31.27
C LYS E 46 -9.78 -11.58 -31.04
N SER E 47 -10.70 -11.74 -31.99
CA SER E 47 -11.70 -12.81 -31.91
C SER E 47 -11.05 -14.18 -31.95
N THR E 48 -10.04 -14.35 -32.83
CA THR E 48 -9.35 -15.63 -32.92
C THR E 48 -8.59 -15.97 -31.64
N ILE E 49 -7.88 -15.00 -31.06
CA ILE E 49 -7.11 -15.28 -29.86
C ILE E 49 -8.02 -15.49 -28.66
N VAL E 50 -9.13 -14.75 -28.58
CA VAL E 50 -10.06 -14.95 -27.47
C VAL E 50 -10.86 -16.24 -27.62
N LYS E 51 -11.00 -16.75 -28.85
CA LYS E 51 -11.67 -18.03 -29.03
C LYS E 51 -10.72 -19.19 -28.78
N GLN E 52 -9.45 -19.04 -29.16
CA GLN E 52 -8.47 -20.10 -28.96
C GLN E 52 -8.08 -20.15 -27.51
N MET E 53 -8.28 -19.06 -26.79
CA MET E 53 -7.97 -19.02 -25.38
C MET E 53 -9.10 -19.70 -24.64
N LYS E 54 -10.30 -19.62 -25.20
CA LYS E 54 -11.47 -20.25 -24.64
C LYS E 54 -11.40 -21.71 -25.00
N THR E 182 -18.03 0.00 -23.63
CA THR E 182 -17.39 1.08 -24.39
C THR E 182 -15.91 1.18 -24.05
N GLY E 183 -15.56 0.85 -22.81
CA GLY E 183 -14.17 0.90 -22.37
C GLY E 183 -13.38 -0.31 -22.80
N ILE E 184 -12.46 -0.75 -21.94
CA ILE E 184 -11.61 -1.89 -22.27
C ILE E 184 -12.25 -3.15 -21.68
N VAL E 185 -11.99 -4.28 -22.33
CA VAL E 185 -12.53 -5.57 -21.94
C VAL E 185 -11.47 -6.31 -21.14
N GLU E 186 -11.88 -6.90 -20.02
CA GLU E 186 -11.00 -7.67 -19.16
C GLU E 186 -11.47 -9.12 -19.20
N THR E 187 -10.69 -9.97 -19.87
CA THR E 187 -10.98 -11.40 -19.89
C THR E 187 -10.15 -12.10 -18.82
N HIS E 188 -10.74 -13.12 -18.22
CA HIS E 188 -10.10 -13.89 -17.16
C HIS E 188 -10.20 -15.37 -17.52
N PHE E 189 -9.06 -16.05 -17.58
CA PHE E 189 -9.03 -17.45 -17.97
C PHE E 189 -8.01 -18.19 -17.12
N THR E 190 -8.26 -19.49 -16.93
CA THR E 190 -7.47 -20.34 -16.06
C THR E 190 -6.80 -21.44 -16.88
N PHE E 191 -5.49 -21.55 -16.78
CA PHE E 191 -4.73 -22.63 -17.41
C PHE E 191 -4.03 -23.42 -16.32
N LYS E 192 -4.33 -24.72 -16.25
CA LYS E 192 -3.83 -25.66 -15.24
C LYS E 192 -4.11 -25.13 -13.84
N ASP E 193 -3.06 -24.82 -13.09
CA ASP E 193 -3.19 -24.31 -11.72
C ASP E 193 -2.86 -22.82 -11.64
N LEU E 194 -2.82 -22.12 -12.76
CA LEU E 194 -2.47 -20.70 -12.78
C LEU E 194 -3.55 -19.91 -13.51
N HIS E 195 -4.06 -18.88 -12.85
CA HIS E 195 -5.06 -18.01 -13.46
C HIS E 195 -4.38 -16.96 -14.32
N PHE E 196 -5.18 -16.33 -15.19
CA PHE E 196 -4.69 -15.30 -16.08
C PHE E 196 -5.75 -14.21 -16.23
N LYS E 197 -5.33 -12.96 -16.10
CA LYS E 197 -6.21 -11.80 -16.32
C LYS E 197 -5.60 -10.97 -17.44
N MET E 198 -6.14 -11.08 -18.65
CA MET E 198 -5.70 -10.30 -19.79
C MET E 198 -6.65 -9.12 -19.99
N PHE E 199 -6.07 -7.93 -20.12
CA PHE E 199 -6.83 -6.68 -20.19
C PHE E 199 -6.76 -6.17 -21.63
N ASP E 200 -7.82 -6.43 -22.40
CA ASP E 200 -7.86 -6.06 -23.81
C ASP E 200 -8.12 -4.58 -23.91
N VAL E 201 -7.07 -3.80 -24.15
CA VAL E 201 -7.21 -2.37 -24.38
C VAL E 201 -7.58 -2.18 -25.84
N GLY E 202 -8.87 -2.04 -26.11
CA GLY E 202 -9.34 -1.89 -27.48
C GLY E 202 -10.20 -0.65 -27.63
N ALA E 203 -10.02 0.03 -28.77
CA ALA E 203 -10.78 1.22 -29.16
C ALA E 203 -10.70 2.33 -28.11
N GLN E 204 -9.51 2.49 -27.52
CA GLN E 204 -9.30 3.58 -26.58
C GLN E 204 -9.40 4.92 -27.27
N ARG E 205 -8.91 5.00 -28.52
CA ARG E 205 -9.00 6.17 -29.39
C ARG E 205 -8.39 7.40 -28.73
N SER E 206 -7.31 7.18 -27.98
CA SER E 206 -6.72 8.19 -27.14
C SER E 206 -5.21 8.09 -27.25
N GLU E 207 -4.53 9.13 -26.76
CA GLU E 207 -3.08 9.12 -26.73
C GLU E 207 -2.59 8.02 -25.80
N ARG E 208 -1.67 7.20 -26.31
CA ARG E 208 -1.27 6.00 -25.60
C ARG E 208 -0.46 6.30 -24.35
N LYS E 209 0.34 7.37 -24.39
CA LYS E 209 1.28 7.70 -23.32
C LYS E 209 0.59 8.04 -22.00
N LYS E 210 -0.64 8.55 -22.05
CA LYS E 210 -1.33 8.96 -20.83
C LYS E 210 -1.80 7.79 -19.98
N TRP E 211 -1.90 6.60 -20.56
CA TRP E 211 -2.39 5.45 -19.83
C TRP E 211 -1.54 4.20 -20.00
N ILE E 212 -0.43 4.27 -20.74
CA ILE E 212 0.39 3.08 -20.94
C ILE E 212 1.15 2.72 -19.66
N HIS E 213 1.49 3.71 -18.83
CA HIS E 213 2.21 3.46 -17.58
C HIS E 213 1.33 2.82 -16.52
N CYS E 214 0.02 2.82 -16.73
CA CYS E 214 -0.90 2.11 -15.85
C CYS E 214 -0.63 0.61 -15.87
N PHE E 215 -0.15 0.08 -17.00
CA PHE E 215 0.18 -1.33 -17.15
C PHE E 215 1.66 -1.61 -16.94
N GLU E 216 2.33 -0.85 -16.08
CA GLU E 216 3.77 -1.03 -15.88
C GLU E 216 4.08 -2.35 -15.18
N GLY E 217 3.24 -2.75 -14.23
CA GLY E 217 3.46 -3.99 -13.52
C GLY E 217 3.02 -5.24 -14.25
N VAL E 218 2.46 -5.09 -15.45
CA VAL E 218 2.03 -6.25 -16.24
C VAL E 218 3.26 -7.04 -16.69
N THR E 219 3.18 -8.36 -16.55
CA THR E 219 4.34 -9.23 -16.77
C THR E 219 4.71 -9.33 -18.24
N ALA E 220 3.72 -9.46 -19.13
CA ALA E 220 4.00 -9.72 -20.53
C ALA E 220 3.14 -8.83 -21.42
N ILE E 221 3.65 -8.59 -22.63
CA ILE E 221 2.95 -7.79 -23.65
C ILE E 221 2.73 -8.69 -24.86
N ILE E 222 1.46 -8.90 -25.21
CA ILE E 222 1.09 -9.75 -26.33
C ILE E 222 0.83 -8.88 -27.55
N PHE E 223 1.44 -9.25 -28.67
CA PHE E 223 1.27 -8.54 -29.93
C PHE E 223 0.72 -9.50 -30.99
N CYS E 224 -0.25 -9.02 -31.76
CA CYS E 224 -0.85 -9.79 -32.84
C CYS E 224 -0.82 -8.99 -34.13
N VAL E 225 -0.26 -9.58 -35.18
CA VAL E 225 -0.05 -8.93 -36.48
C VAL E 225 -0.56 -9.85 -37.59
N ALA E 226 -1.31 -9.29 -38.52
CA ALA E 226 -1.68 -10.03 -39.73
C ALA E 226 -0.55 -9.97 -40.75
N LEU E 227 -0.41 -11.05 -41.53
CA LEU E 227 0.68 -11.16 -42.50
C LEU E 227 0.23 -11.02 -43.95
N SER E 228 -1.03 -11.27 -44.26
CA SER E 228 -1.50 -11.27 -45.64
C SER E 228 -2.04 -9.91 -46.10
N ASP E 229 -1.94 -8.88 -45.26
CA ASP E 229 -2.46 -7.56 -45.59
C ASP E 229 -1.37 -6.61 -46.08
N TYR E 230 -0.31 -7.16 -46.66
CA TYR E 230 0.78 -6.33 -47.18
C TYR E 230 0.46 -5.70 -48.52
N ASP E 231 -0.68 -6.04 -49.12
CA ASP E 231 -1.18 -5.43 -50.35
C ASP E 231 -2.19 -4.32 -50.06
N LEU E 232 -2.22 -3.81 -48.83
CA LEU E 232 -3.25 -2.86 -48.41
C LEU E 232 -2.58 -1.62 -47.85
N VAL E 233 -2.72 -0.50 -48.55
CA VAL E 233 -2.21 0.80 -48.12
C VAL E 233 -3.38 1.76 -47.97
N LEU E 234 -3.51 2.37 -46.80
CA LEU E 234 -4.62 3.26 -46.52
C LEU E 234 -4.37 4.65 -47.10
N MET E 240 2.65 3.69 -47.01
CA MET E 240 1.84 3.70 -45.81
C MET E 240 1.16 2.35 -45.60
N ASN E 241 1.90 1.27 -45.86
CA ASN E 241 1.37 -0.06 -45.67
C ASN E 241 1.14 -0.33 -44.18
N ARG E 242 0.11 -1.13 -43.89
CA ARG E 242 -0.25 -1.41 -42.51
C ARG E 242 0.85 -2.16 -41.78
N MET E 243 1.60 -3.00 -42.49
CA MET E 243 2.73 -3.71 -41.91
C MET E 243 3.81 -2.74 -41.45
N HIS E 244 4.13 -1.75 -42.29
CA HIS E 244 5.19 -0.78 -41.96
C HIS E 244 4.81 0.07 -40.76
N GLU E 245 3.56 0.54 -40.71
CA GLU E 245 3.13 1.37 -39.60
C GLU E 245 2.95 0.55 -38.32
N SER E 246 2.62 -0.73 -38.45
CA SER E 246 2.56 -1.61 -37.28
C SER E 246 3.93 -1.85 -36.69
N MET E 247 4.98 -1.82 -37.53
CA MET E 247 6.35 -1.92 -37.03
C MET E 247 6.71 -0.73 -36.16
N LYS E 248 6.26 0.47 -36.55
CA LYS E 248 6.54 1.69 -35.80
C LYS E 248 5.91 1.64 -34.42
N LEU E 249 4.68 1.11 -34.33
CA LEU E 249 4.05 0.89 -33.03
C LEU E 249 4.85 -0.08 -32.18
N PHE E 250 5.36 -1.14 -32.79
CA PHE E 250 6.27 -2.04 -32.10
C PHE E 250 7.58 -1.34 -31.76
N ASP E 251 8.07 -0.48 -32.67
CA ASP E 251 9.30 0.25 -32.43
C ASP E 251 9.15 1.22 -31.26
N SER E 252 8.00 1.90 -31.18
CA SER E 252 7.78 2.83 -30.08
C SER E 252 7.58 2.09 -28.77
N ILE E 253 6.82 0.99 -28.78
CA ILE E 253 6.52 0.27 -27.54
C ILE E 253 7.73 -0.49 -27.02
N CYS E 254 8.69 -0.82 -27.88
CA CYS E 254 9.90 -1.51 -27.42
C CYS E 254 10.87 -0.55 -26.74
N ASN E 255 11.02 0.65 -27.28
CA ASN E 255 12.03 1.60 -26.81
C ASN E 255 11.52 2.52 -25.72
N ASN E 256 10.30 2.32 -25.23
CA ASN E 256 9.77 3.14 -24.15
C ASN E 256 10.54 2.91 -22.86
N LYS E 257 10.68 3.98 -22.07
CA LYS E 257 11.42 3.89 -20.82
C LYS E 257 10.65 3.16 -19.73
N TRP E 258 9.32 3.15 -19.80
CA TRP E 258 8.53 2.45 -18.79
C TRP E 258 8.76 0.94 -18.88
N PHE E 259 8.79 0.40 -20.09
CA PHE E 259 9.00 -1.03 -20.31
C PHE E 259 10.47 -1.29 -20.59
N THR E 260 11.30 -1.12 -19.56
CA THR E 260 12.72 -1.45 -19.67
C THR E 260 12.94 -2.95 -19.75
N ASP E 261 12.32 -3.71 -18.85
CA ASP E 261 12.45 -5.17 -18.81
C ASP E 261 11.07 -5.79 -18.69
N THR E 262 10.38 -5.93 -19.83
CA THR E 262 9.12 -6.65 -19.93
C THR E 262 9.19 -7.53 -21.15
N SER E 263 8.92 -8.83 -20.96
CA SER E 263 9.03 -9.79 -22.05
C SER E 263 8.00 -9.52 -23.12
N ILE E 264 8.46 -9.52 -24.38
CA ILE E 264 7.62 -9.17 -25.52
C ILE E 264 7.35 -10.45 -26.30
N ILE E 265 6.07 -10.76 -26.49
CA ILE E 265 5.62 -11.93 -27.22
C ILE E 265 4.76 -11.45 -28.38
N LEU E 266 5.15 -11.83 -29.60
CA LEU E 266 4.41 -11.46 -30.80
C LEU E 266 3.83 -12.70 -31.46
N PHE E 267 2.59 -12.60 -31.89
CA PHE E 267 1.88 -13.66 -32.59
C PHE E 267 1.54 -13.17 -33.99
N LEU E 268 1.28 -14.11 -34.89
CA LEU E 268 1.06 -13.78 -36.29
C LEU E 268 -0.35 -14.15 -36.71
N ASN E 269 -0.72 -13.77 -37.93
CA ASN E 269 -2.08 -13.99 -38.41
C ASN E 269 -2.08 -14.00 -39.92
N LYS E 270 -3.01 -14.79 -40.49
CA LYS E 270 -3.30 -14.87 -41.92
C LYS E 270 -2.08 -15.28 -42.74
N LYS E 271 -1.21 -16.12 -42.15
CA LYS E 271 0.02 -16.51 -42.82
C LYS E 271 -0.24 -17.39 -44.03
N ASP E 272 -1.33 -18.16 -44.00
CA ASP E 272 -1.65 -19.09 -45.07
C ASP E 272 -1.91 -18.36 -46.39
N LEU E 273 -2.63 -17.24 -46.33
CA LEU E 273 -2.92 -16.49 -47.55
C LEU E 273 -1.69 -15.74 -48.02
N PHE E 274 -0.78 -15.39 -47.10
CA PHE E 274 0.51 -14.80 -47.48
C PHE E 274 1.31 -15.74 -48.35
N GLU E 275 1.31 -17.03 -48.01
CA GLU E 275 1.88 -18.05 -48.88
C GLU E 275 1.16 -18.09 -50.21
N GLU E 276 -0.17 -17.99 -50.18
CA GLU E 276 -1.00 -18.09 -51.38
C GLU E 276 -0.76 -16.94 -52.33
N LYS E 277 -0.51 -15.74 -51.80
CA LYS E 277 -0.35 -14.56 -52.66
C LYS E 277 1.10 -14.40 -53.13
N ILE E 278 2.04 -14.34 -52.18
CA ILE E 278 3.46 -14.12 -52.51
C ILE E 278 4.03 -15.28 -53.31
N LEU E 283 5.54 -9.70 -52.35
CA LEU E 283 6.86 -9.25 -51.92
C LEU E 283 7.10 -7.81 -52.31
N THR E 284 6.92 -7.52 -53.61
CA THR E 284 7.18 -6.20 -54.16
C THR E 284 6.22 -5.14 -53.63
N ILE E 285 5.06 -5.53 -53.14
CA ILE E 285 4.08 -4.56 -52.67
C ILE E 285 4.54 -3.93 -51.35
N CYS E 286 5.11 -4.70 -50.45
CA CYS E 286 5.54 -4.19 -49.16
C CYS E 286 7.05 -4.15 -48.98
N TYR E 287 7.75 -5.25 -49.25
CA TYR E 287 9.19 -5.35 -48.99
C TYR E 287 9.93 -5.74 -50.25
N PRO E 288 10.11 -4.81 -51.20
CA PRO E 288 10.87 -5.14 -52.41
C PRO E 288 12.36 -5.28 -52.17
N GLU E 289 12.87 -4.75 -51.06
CA GLU E 289 14.29 -4.78 -50.75
C GLU E 289 14.79 -6.16 -50.35
N TYR E 290 13.89 -7.12 -50.09
CA TYR E 290 14.29 -8.49 -49.84
C TYR E 290 15.00 -9.08 -51.05
N ALA E 291 14.47 -8.81 -52.26
CA ALA E 291 15.09 -9.14 -53.55
C ALA E 291 15.40 -10.63 -53.66
N GLY E 292 14.42 -11.45 -53.29
CA GLY E 292 14.58 -12.89 -53.33
C GLY E 292 13.33 -13.62 -53.76
N SER E 293 13.29 -14.92 -53.48
CA SER E 293 12.20 -15.77 -53.92
C SER E 293 10.92 -15.46 -53.16
N ASN E 294 9.79 -15.81 -53.78
CA ASN E 294 8.48 -15.71 -53.17
C ASN E 294 8.10 -16.95 -52.38
N THR E 295 9.08 -17.76 -51.98
CA THR E 295 8.81 -18.91 -51.13
C THR E 295 8.37 -18.41 -49.76
N TYR E 296 7.29 -19.01 -49.24
CA TYR E 296 6.67 -18.51 -48.02
C TYR E 296 7.59 -18.69 -46.81
N GLU E 297 8.31 -19.80 -46.73
CA GLU E 297 9.16 -20.10 -45.58
C GLU E 297 10.29 -19.09 -45.45
N GLU E 298 10.96 -18.77 -46.56
CA GLU E 298 11.99 -17.74 -46.52
C GLU E 298 11.40 -16.36 -46.32
N ALA E 299 10.25 -16.09 -46.94
CA ALA E 299 9.59 -14.79 -46.77
C ALA E 299 9.12 -14.59 -45.34
N ALA E 300 8.54 -15.64 -44.74
CA ALA E 300 8.17 -15.55 -43.32
C ALA E 300 9.40 -15.38 -42.45
N ALA E 301 10.48 -16.08 -42.79
CA ALA E 301 11.74 -15.90 -42.08
C ALA E 301 12.24 -14.46 -42.20
N TYR E 302 12.09 -13.86 -43.38
CA TYR E 302 12.52 -12.48 -43.57
C TYR E 302 11.67 -11.51 -42.75
N ILE E 303 10.34 -11.67 -42.78
CA ILE E 303 9.45 -10.73 -42.10
C ILE E 303 9.61 -10.81 -40.59
N GLN E 304 9.62 -12.04 -40.04
CA GLN E 304 9.71 -12.21 -38.59
C GLN E 304 11.06 -11.75 -38.05
N CYS E 305 12.14 -11.98 -38.81
CA CYS E 305 13.46 -11.57 -38.37
C CYS E 305 13.58 -10.05 -38.33
N GLN E 306 13.16 -9.38 -39.41
CA GLN E 306 13.26 -7.93 -39.47
C GLN E 306 12.31 -7.27 -38.48
N PHE E 307 11.17 -7.89 -38.21
CA PHE E 307 10.30 -7.43 -37.13
C PHE E 307 10.99 -7.58 -35.78
N GLU E 308 11.74 -8.68 -35.59
CA GLU E 308 12.52 -8.85 -34.38
C GLU E 308 13.78 -7.98 -34.39
N ASP E 309 14.34 -7.70 -35.57
CA ASP E 309 15.56 -6.89 -35.68
C ASP E 309 15.32 -5.41 -35.37
N LEU E 310 14.06 -4.98 -35.25
CA LEU E 310 13.72 -3.61 -34.89
C LEU E 310 14.10 -3.27 -33.46
N ASN E 311 14.47 -4.27 -32.67
CA ASN E 311 14.88 -4.05 -31.29
C ASN E 311 16.22 -3.32 -31.24
N LYS E 312 16.28 -2.30 -30.41
CA LYS E 312 17.50 -1.53 -30.25
C LYS E 312 17.92 -1.42 -28.79
N ARG E 313 16.96 -1.27 -27.88
CA ARG E 313 17.24 -1.11 -26.46
C ARG E 313 16.41 -2.10 -25.63
N LYS E 314 16.07 -3.27 -26.19
CA LYS E 314 15.31 -4.24 -25.36
C LYS E 314 16.23 -5.36 -24.88
N ASP E 315 17.52 -5.10 -24.77
CA ASP E 315 18.47 -6.19 -24.52
C ASP E 315 18.28 -6.86 -23.16
N THR E 316 17.63 -6.16 -22.22
CA THR E 316 17.13 -6.80 -21.00
C THR E 316 15.95 -7.74 -21.30
N LYS E 317 14.96 -7.26 -22.07
CA LYS E 317 13.80 -8.08 -22.42
C LYS E 317 14.18 -9.15 -23.43
N GLU E 318 13.22 -10.04 -23.71
CA GLU E 318 13.42 -11.12 -24.68
C GLU E 318 12.20 -11.16 -25.60
N ILE E 319 12.43 -11.03 -26.90
CA ILE E 319 11.35 -11.11 -27.88
C ILE E 319 11.07 -12.59 -28.14
N TYR E 320 9.87 -13.04 -27.79
CA TYR E 320 9.45 -14.42 -28.00
C TYR E 320 8.53 -14.46 -29.22
N THR E 321 9.14 -14.58 -30.39
CA THR E 321 8.37 -14.70 -31.63
C THR E 321 7.79 -16.10 -31.76
N HIS E 322 6.51 -16.17 -32.10
CA HIS E 322 5.83 -17.45 -32.34
C HIS E 322 5.03 -17.35 -33.62
N PHE E 323 5.17 -18.35 -34.49
CA PHE E 323 4.54 -18.33 -35.81
C PHE E 323 3.15 -18.93 -35.66
N THR E 324 2.17 -18.07 -35.37
CA THR E 324 0.82 -18.52 -35.10
C THR E 324 0.14 -18.95 -36.39
N CYS E 325 -0.15 -20.25 -36.49
CA CYS E 325 -0.85 -20.81 -37.64
C CYS E 325 -2.33 -20.45 -37.66
N SER E 326 -2.85 -19.85 -36.59
CA SER E 326 -4.24 -19.44 -36.36
C SER E 326 -5.20 -20.62 -36.30
N THR E 327 -4.68 -21.85 -36.26
CA THR E 327 -5.48 -23.05 -36.14
C THR E 327 -4.81 -24.02 -35.17
N ASP E 328 -3.63 -23.67 -34.65
CA ASP E 328 -2.91 -24.51 -33.70
C ASP E 328 -3.71 -24.65 -32.41
N THR E 329 -3.53 -25.82 -31.77
CA THR E 329 -4.42 -26.27 -30.70
C THR E 329 -4.37 -25.31 -29.50
N LYS E 330 -3.22 -25.20 -28.87
CA LYS E 330 -3.03 -24.30 -27.73
C LYS E 330 -1.76 -23.49 -28.00
N ASN E 331 -1.93 -22.27 -28.48
CA ASN E 331 -0.82 -21.33 -28.57
C ASN E 331 -0.61 -20.58 -27.27
N VAL E 332 -1.44 -20.84 -26.26
CA VAL E 332 -1.17 -20.43 -24.90
C VAL E 332 -0.04 -21.26 -24.30
N GLN E 333 0.26 -22.41 -24.91
CA GLN E 333 1.44 -23.19 -24.54
C GLN E 333 2.72 -22.40 -24.77
N PHE E 334 2.75 -21.60 -25.85
CA PHE E 334 3.82 -20.63 -26.02
C PHE E 334 3.83 -19.63 -24.88
N VAL E 335 2.66 -19.13 -24.49
CA VAL E 335 2.54 -18.13 -23.44
C VAL E 335 2.94 -18.71 -22.09
N PHE E 336 2.45 -19.92 -21.78
CA PHE E 336 2.74 -20.54 -20.49
C PHE E 336 4.21 -20.84 -20.32
N ASP E 337 4.86 -21.32 -21.39
CA ASP E 337 6.30 -21.54 -21.32
C ASP E 337 7.05 -20.21 -21.30
N ALA E 338 6.57 -19.20 -22.01
CA ALA E 338 7.22 -17.90 -21.97
C ALA E 338 7.02 -17.23 -20.61
N VAL E 339 5.81 -17.30 -20.06
CA VAL E 339 5.56 -16.66 -18.77
C VAL E 339 6.28 -17.42 -17.65
N THR E 340 6.42 -18.75 -17.76
CA THR E 340 7.23 -19.46 -16.77
C THR E 340 8.71 -19.21 -17.03
N ASP E 341 9.12 -18.91 -18.26
CA ASP E 341 10.49 -18.49 -18.52
C ASP E 341 10.77 -17.13 -17.90
N VAL E 342 9.77 -16.24 -17.91
CA VAL E 342 9.86 -15.00 -17.16
C VAL E 342 9.94 -15.30 -15.67
N ILE E 343 9.08 -16.18 -15.18
CA ILE E 343 8.98 -16.48 -13.75
C ILE E 343 10.25 -17.16 -13.25
N ILE E 344 10.85 -18.04 -14.07
CA ILE E 344 12.16 -18.62 -13.73
C ILE E 344 13.21 -17.53 -13.65
N LYS E 345 13.21 -16.60 -14.61
CA LYS E 345 14.06 -15.43 -14.52
C LYS E 345 13.66 -14.54 -13.35
N ASN E 346 12.35 -14.40 -13.10
CA ASN E 346 11.86 -13.54 -12.03
C ASN E 346 12.36 -14.01 -10.67
N ASN E 347 12.32 -15.31 -10.42
CA ASN E 347 12.88 -15.84 -9.18
C ASN E 347 14.39 -15.69 -9.16
N LEU E 348 15.05 -16.02 -10.27
CA LEU E 348 16.50 -15.85 -10.36
C LEU E 348 16.91 -14.39 -10.34
N LYS E 349 15.99 -13.47 -10.68
CA LYS E 349 16.22 -12.05 -10.45
C LYS E 349 16.13 -11.70 -8.96
N ASP E 350 15.40 -12.48 -8.18
CA ASP E 350 15.20 -12.21 -6.76
C ASP E 350 16.02 -13.11 -5.86
N CYS E 351 16.59 -14.19 -6.39
CA CYS E 351 17.52 -15.01 -5.63
C CYS E 351 18.88 -14.34 -5.44
N GLY E 352 19.16 -13.29 -6.21
CA GLY E 352 20.44 -12.63 -6.22
C GLY E 352 21.30 -13.01 -7.41
N LEU E 353 21.16 -14.22 -7.91
CA LEU E 353 22.03 -14.76 -8.94
C LEU E 353 21.82 -14.15 -10.32
N PHE E 354 20.73 -13.43 -10.54
CA PHE E 354 20.53 -12.74 -11.82
C PHE E 354 19.63 -11.52 -11.64
C1 140 F . 43.42 -31.32 28.02
O1 140 F . 43.98 -32.11 27.22
O2 140 F . 43.49 -31.54 29.25
C2 140 F . 42.68 -30.09 27.51
N 140 F . 42.58 -29.15 28.60
C3 140 F . 42.27 -27.74 28.44
O3 140 F . 42.05 -27.25 27.38
C4 140 F . 42.23 -26.90 29.71
C5 140 F . 43.21 -27.48 30.73
C6 140 F . 44.66 -27.11 30.41
C7 140 F . 45.51 -28.31 30.00
C8 140 F . 46.73 -27.90 29.17
C9 140 F . 47.19 -28.99 28.21
C10 140 F . 46.70 -28.75 26.78
C11 140 F . 46.96 -29.95 25.88
C12 140 F . 46.15 -29.89 24.59
C13 140 F . 45.22 -31.08 24.37
C14 140 F . 43.81 -30.69 23.97
C15 140 F . 43.03 -31.83 23.33
C16 140 F . 42.40 -31.42 21.99
C17 140 F . 40.88 -31.20 22.08
C18 140 F . 40.52 -29.74 22.33
#